data_2HJ0
#
_entry.id   2HJ0
#
_cell.length_a   130.871
_cell.length_b   130.871
_cell.length_c   57.802
_cell.angle_alpha   90.00
_cell.angle_beta   90.00
_cell.angle_gamma   120.00
#
_symmetry.space_group_name_H-M   'P 31'
#
loop_
_entity.id
_entity.type
_entity.pdbx_description
1 polymer 'Putative citrate lyase, alfa subunit'
2 non-polymer 'CITRIC ACID'
3 water water
#
_entity_poly.entity_id   1
_entity_poly.type   'polypeptide(L)'
_entity_poly.pdbx_seq_one_letter_code
;(MSE)AENKLGRDIPRKYANQYGVFEGELAHIKSYKESSRQVKPVKPSDDKLLSSIHEAIEKTRLKDG(MSE)TISFHHH
FREGDYV(MSE)N(MSE)VLDEIAK(MSE)GIKDISIAPSSIANVHEPLIDHIKNGVVTNITSSGLRDKVGAAISEGI
(MSE)ENPVIIRSHGGRARAIATDDIHIDVAFLGAPSSDAYGNANGTRGKTTCGSLGYA(MSE)IDAKYADQVVIVTDTL
VPYPNTPISIPQTDVDYIVVVDAIGDPEGIAKGATRYTKNPKELLIAEYAAKVITSSPYYKEGFSFQTGTGGASLAVTRF
(MSE)REQ(MSE)IKDDIKANFALGGITNA(MSE)VELLEEGLVDKILDVQDFDHPSAVSLDRNAEKHYEIDAN(MSE)Y
ASPLSKGSVINQLDICVLSALEVDTNFNVNV(MSE)TGSDGVIRGASGGHCDTAFAAK(MSE)SLVISPLVRGRIPTFVD
KVNTVITPGTSVDVVVTEVGIAINPNRPDLIEYFKDLKVPQLTIEELKEKAYAIVGNPQPIQYGDKIVALIEYRDGSLID
VVRNVLEHHHHHH
;
_entity_poly.pdbx_strand_id   A,B
#
# COMPACT_ATOMS: atom_id res chain seq x y z
N GLU A 3 -41.09 -16.66 3.97
CA GLU A 3 -40.11 -15.57 3.70
C GLU A 3 -38.95 -15.56 4.70
N ASN A 4 -38.13 -14.52 4.61
CA ASN A 4 -36.97 -14.34 5.48
C ASN A 4 -37.19 -13.23 6.52
N LYS A 5 -36.08 -12.72 7.08
CA LYS A 5 -36.11 -11.66 8.10
C LYS A 5 -37.17 -10.58 7.78
N LEU A 6 -36.85 -9.70 6.83
CA LEU A 6 -37.76 -8.65 6.42
C LEU A 6 -38.83 -9.19 5.48
N GLY A 7 -39.75 -8.33 5.06
CA GLY A 7 -40.81 -8.74 4.15
C GLY A 7 -40.31 -8.82 2.72
N ARG A 8 -39.21 -9.54 2.51
CA ARG A 8 -38.61 -9.71 1.19
C ARG A 8 -38.94 -11.06 0.54
N ASP A 9 -39.21 -11.03 -0.76
CA ASP A 9 -39.55 -12.25 -1.48
C ASP A 9 -38.33 -12.77 -2.27
N ILE A 10 -37.33 -13.26 -1.56
CA ILE A 10 -36.14 -13.78 -2.21
C ILE A 10 -36.31 -15.27 -2.45
N PRO A 11 -36.36 -15.68 -3.73
CA PRO A 11 -36.53 -17.08 -4.09
C PRO A 11 -35.47 -17.99 -3.47
N ARG A 12 -35.89 -19.16 -3.00
CA ARG A 12 -35.00 -20.13 -2.37
C ARG A 12 -33.78 -20.44 -3.21
N LYS A 13 -33.92 -20.33 -4.53
CA LYS A 13 -32.81 -20.59 -5.43
C LYS A 13 -31.60 -19.71 -5.07
N TYR A 14 -31.88 -18.45 -4.77
CA TYR A 14 -30.83 -17.51 -4.43
C TYR A 14 -30.62 -17.43 -2.92
N ALA A 15 -31.71 -17.56 -2.17
CA ALA A 15 -31.63 -17.51 -0.71
C ALA A 15 -30.74 -18.64 -0.21
N ASN A 16 -30.66 -19.71 -0.99
CA ASN A 16 -29.85 -20.86 -0.63
C ASN A 16 -28.44 -20.71 -1.21
N GLN A 17 -28.36 -20.14 -2.41
CA GLN A 17 -27.08 -19.91 -3.09
C GLN A 17 -26.23 -18.99 -2.22
N TYR A 18 -26.83 -17.86 -1.84
CA TYR A 18 -26.17 -16.86 -0.99
C TYR A 18 -26.76 -17.00 0.42
N GLY A 19 -26.17 -16.29 1.38
CA GLY A 19 -26.67 -16.34 2.73
C GLY A 19 -28.03 -15.66 2.74
N VAL A 20 -29.04 -16.32 3.30
CA VAL A 20 -30.37 -15.73 3.31
C VAL A 20 -30.68 -14.98 4.61
N PHE A 21 -30.31 -13.71 4.65
CA PHE A 21 -30.57 -12.87 5.81
C PHE A 21 -29.92 -11.52 5.61
N GLU A 22 -29.98 -10.66 6.63
CA GLU A 22 -29.37 -9.35 6.53
C GLU A 22 -29.57 -8.51 7.78
N GLU A 24 -31.10 -9.11 10.14
CA GLU A 24 -30.24 -8.77 11.28
C GLU A 24 -28.78 -9.16 11.00
N LEU A 25 -27.88 -8.24 11.29
CA LEU A 25 -26.44 -8.43 11.10
C LEU A 25 -25.97 -9.65 11.89
N ALA A 26 -24.95 -10.33 11.37
CA ALA A 26 -24.38 -11.52 12.01
C ALA A 26 -22.96 -11.29 12.50
N HIS A 27 -22.22 -12.38 12.69
CA HIS A 27 -20.83 -12.31 13.16
C HIS A 27 -19.82 -12.52 12.03
N ILE A 28 -18.54 -12.28 12.34
CA ILE A 28 -17.46 -12.42 11.36
C ILE A 28 -16.30 -13.17 11.97
N LYS A 29 -15.63 -14.00 11.15
CA LYS A 29 -14.49 -14.78 11.60
C LYS A 29 -13.29 -14.69 10.65
N SER A 30 -12.14 -15.14 11.14
CA SER A 30 -10.91 -15.10 10.36
C SER A 30 -11.04 -15.74 8.98
N TYR A 31 -10.32 -15.18 8.01
CA TYR A 31 -10.34 -15.69 6.63
C TYR A 31 -8.97 -15.56 5.97
N LYS A 32 -8.77 -16.31 4.89
CA LYS A 32 -7.53 -16.25 4.13
C LYS A 32 -7.68 -15.22 3.04
N GLU A 33 -6.95 -14.12 3.17
CA GLU A 33 -7.00 -13.05 2.18
C GLU A 33 -6.68 -13.61 0.81
N SER A 34 -7.22 -12.97 -0.21
CA SER A 34 -6.98 -13.37 -1.59
C SER A 34 -5.52 -13.13 -1.97
N SER A 35 -4.95 -14.02 -2.78
CA SER A 35 -3.57 -13.84 -3.25
C SER A 35 -3.66 -13.85 -4.79
N ARG A 36 -2.76 -13.11 -5.43
CA ARG A 36 -2.76 -13.00 -6.88
C ARG A 36 -1.66 -13.80 -7.55
N GLN A 37 -1.82 -14.03 -8.85
CA GLN A 37 -0.85 -14.76 -9.67
C GLN A 37 0.05 -13.74 -10.36
N VAL A 38 1.19 -13.48 -9.72
CA VAL A 38 2.18 -12.52 -10.20
C VAL A 38 3.09 -13.02 -11.31
N LYS A 39 3.30 -12.19 -12.32
CA LYS A 39 4.20 -12.52 -13.42
C LYS A 39 5.45 -11.64 -13.26
N PRO A 40 6.53 -12.22 -12.73
CA PRO A 40 7.78 -11.48 -12.52
C PRO A 40 8.24 -10.80 -13.80
N VAL A 41 8.83 -9.61 -13.65
CA VAL A 41 9.30 -8.89 -14.80
C VAL A 41 10.83 -8.98 -14.91
N LYS A 42 11.32 -9.34 -16.09
CA LYS A 42 12.75 -9.43 -16.29
C LYS A 42 13.29 -8.01 -16.33
N PRO A 43 14.51 -7.80 -15.83
CA PRO A 43 15.11 -6.47 -15.81
C PRO A 43 15.13 -5.75 -17.15
N SER A 44 15.01 -6.48 -18.25
CA SER A 44 15.03 -5.86 -19.56
C SER A 44 13.62 -5.78 -20.15
N ASP A 45 12.62 -6.20 -19.40
CA ASP A 45 11.27 -6.17 -19.95
C ASP A 45 10.68 -4.77 -20.03
N ASP A 46 9.97 -4.49 -21.11
CA ASP A 46 9.34 -3.21 -21.29
C ASP A 46 7.87 -3.36 -20.92
N LYS A 47 7.38 -2.57 -19.97
CA LYS A 47 5.99 -2.68 -19.55
C LYS A 47 5.05 -1.76 -20.34
N LEU A 48 5.60 -0.85 -21.14
CA LEU A 48 4.79 0.07 -21.93
C LEU A 48 4.36 -0.62 -23.23
N LEU A 49 3.09 -0.44 -23.59
CA LEU A 49 2.53 -1.04 -24.81
C LEU A 49 2.05 0.05 -25.77
N SER A 50 1.73 -0.34 -27.00
CA SER A 50 1.30 0.65 -27.99
C SER A 50 -0.19 0.97 -27.98
N SER A 51 -1.02 -0.04 -27.73
CA SER A 51 -2.46 0.19 -27.76
C SER A 51 -3.23 -0.69 -26.80
N ILE A 52 -4.53 -0.44 -26.67
CA ILE A 52 -5.35 -1.26 -25.80
C ILE A 52 -5.36 -2.66 -26.37
N HIS A 53 -5.31 -2.75 -27.70
CA HIS A 53 -5.32 -4.06 -28.37
C HIS A 53 -4.19 -4.96 -27.85
N GLU A 54 -2.94 -4.51 -27.98
CA GLU A 54 -1.78 -5.27 -27.52
C GLU A 54 -1.87 -5.57 -26.03
N ALA A 55 -2.54 -4.68 -25.29
CA ALA A 55 -2.68 -4.90 -23.87
C ALA A 55 -3.53 -6.14 -23.67
N ILE A 56 -4.67 -6.20 -24.36
CA ILE A 56 -5.59 -7.35 -24.24
C ILE A 56 -4.86 -8.61 -24.67
N GLU A 57 -4.04 -8.44 -25.69
CA GLU A 57 -3.27 -9.53 -26.25
C GLU A 57 -2.23 -10.05 -25.26
N LYS A 58 -1.23 -9.23 -24.98
CA LYS A 58 -0.19 -9.65 -24.06
C LYS A 58 -0.68 -9.99 -22.66
N THR A 59 -1.96 -9.77 -22.42
CA THR A 59 -2.50 -10.05 -21.10
C THR A 59 -3.10 -11.45 -21.07
N ARG A 60 -3.23 -12.04 -22.25
CA ARG A 60 -3.76 -13.40 -22.38
C ARG A 60 -5.23 -13.58 -22.02
N LEU A 61 -6.00 -12.49 -22.10
CA LEU A 61 -7.41 -12.51 -21.78
C LEU A 61 -8.14 -13.53 -22.62
N LYS A 62 -8.93 -14.39 -21.98
CA LYS A 62 -9.68 -15.40 -22.71
C LYS A 62 -11.15 -15.33 -22.31
N ASP A 63 -11.97 -16.16 -22.93
CA ASP A 63 -13.38 -16.18 -22.63
C ASP A 63 -13.61 -16.67 -21.21
N GLY A 64 -14.65 -16.11 -20.57
CA GLY A 64 -14.98 -16.50 -19.22
C GLY A 64 -14.22 -15.82 -18.10
N THR A 66 -12.60 -12.64 -15.76
CA THR A 66 -13.20 -11.48 -15.15
C THR A 66 -12.27 -10.27 -15.23
N ILE A 67 -12.82 -9.13 -15.61
CA ILE A 67 -12.04 -7.92 -15.72
C ILE A 67 -12.72 -6.83 -14.89
N SER A 68 -11.96 -5.82 -14.50
CA SER A 68 -12.50 -4.72 -13.70
C SER A 68 -12.10 -3.34 -14.23
N PHE A 69 -12.80 -2.32 -13.71
CA PHE A 69 -12.59 -0.91 -14.07
C PHE A 69 -13.05 -0.07 -12.89
N HIS A 70 -12.65 1.20 -12.84
CA HIS A 70 -13.10 2.06 -11.76
C HIS A 70 -13.95 3.17 -12.35
N HIS A 71 -14.70 3.89 -11.51
CA HIS A 71 -15.56 4.97 -12.00
C HIS A 71 -15.18 6.38 -11.51
N HIS A 72 -13.90 6.62 -11.25
CA HIS A 72 -13.51 7.94 -10.75
C HIS A 72 -13.69 9.06 -11.77
N PHE A 73 -13.79 8.70 -13.04
CA PHE A 73 -13.99 9.71 -14.08
C PHE A 73 -15.48 9.94 -14.33
N ARG A 74 -16.30 9.14 -13.65
CA ARG A 74 -17.74 9.22 -13.77
C ARG A 74 -18.23 9.30 -15.20
N GLU A 75 -19.13 10.23 -15.49
CA GLU A 75 -19.70 10.39 -16.83
C GLU A 75 -18.69 10.78 -17.89
N GLY A 76 -17.47 11.06 -17.45
CA GLY A 76 -16.45 11.45 -18.40
C GLY A 76 -15.54 10.28 -18.74
N ASP A 77 -15.85 9.09 -18.23
CA ASP A 77 -14.99 7.93 -18.50
C ASP A 77 -14.90 7.49 -19.96
N TYR A 78 -13.70 7.09 -20.37
CA TYR A 78 -13.48 6.61 -21.72
C TYR A 78 -12.88 5.21 -21.72
N VAL A 79 -12.19 4.86 -20.63
CA VAL A 79 -11.54 3.56 -20.48
C VAL A 79 -12.46 2.37 -20.62
N ASN A 81 -15.60 1.87 -22.09
CA ASN A 81 -16.06 1.68 -23.46
C ASN A 81 -14.92 1.35 -24.39
N VAL A 83 -11.80 -0.32 -23.67
CA VAL A 83 -11.37 -1.70 -23.53
C VAL A 83 -12.41 -2.69 -24.05
N LEU A 84 -13.60 -2.63 -23.47
CA LEU A 84 -14.70 -3.51 -23.85
C LEU A 84 -14.88 -3.59 -25.36
N ASP A 85 -14.96 -2.44 -26.01
CA ASP A 85 -15.14 -2.41 -27.45
C ASP A 85 -14.05 -3.20 -28.17
N GLU A 86 -12.81 -3.04 -27.73
CA GLU A 86 -11.72 -3.76 -28.35
C GLU A 86 -11.86 -5.26 -28.06
N ILE A 87 -12.39 -5.59 -26.88
CA ILE A 87 -12.58 -6.99 -26.54
C ILE A 87 -13.61 -7.55 -27.54
N ALA A 88 -14.70 -6.81 -27.76
CA ALA A 88 -15.72 -7.29 -28.68
C ALA A 88 -15.13 -7.46 -30.07
N LYS A 89 -14.44 -6.44 -30.56
CA LYS A 89 -13.84 -6.48 -31.89
C LYS A 89 -12.94 -7.69 -32.06
N GLY A 91 -13.41 -10.55 -30.97
CA GLY A 91 -14.17 -11.78 -30.85
C GLY A 91 -14.16 -12.46 -29.50
N ILE A 92 -13.78 -11.75 -28.45
CA ILE A 92 -13.77 -12.37 -27.13
C ILE A 92 -15.16 -12.22 -26.53
N LYS A 93 -15.65 -13.27 -25.88
CA LYS A 93 -16.98 -13.24 -25.28
C LYS A 93 -17.06 -13.94 -23.93
N ASP A 94 -18.25 -13.89 -23.33
CA ASP A 94 -18.51 -14.51 -22.03
C ASP A 94 -17.58 -13.90 -20.97
N ILE A 95 -17.38 -12.58 -21.06
CA ILE A 95 -16.53 -11.88 -20.12
C ILE A 95 -17.32 -11.43 -18.92
N SER A 96 -16.71 -11.54 -17.75
CA SER A 96 -17.35 -11.14 -16.51
C SER A 96 -16.84 -9.74 -16.13
N ILE A 97 -17.76 -8.80 -16.06
CA ILE A 97 -17.40 -7.42 -15.77
C ILE A 97 -17.52 -7.08 -14.27
N ALA A 98 -16.50 -6.42 -13.72
CA ALA A 98 -16.52 -6.06 -12.31
C ALA A 98 -16.10 -4.60 -12.07
N PRO A 99 -16.83 -3.65 -12.67
CA PRO A 99 -16.52 -2.22 -12.50
C PRO A 99 -16.95 -1.73 -11.12
N SER A 100 -16.19 -0.81 -10.52
CA SER A 100 -16.56 -0.27 -9.22
C SER A 100 -17.96 0.35 -9.30
N SER A 101 -18.34 0.87 -10.47
CA SER A 101 -19.69 1.40 -10.68
C SER A 101 -19.89 1.73 -12.14
N ILE A 102 -21.15 1.84 -12.59
CA ILE A 102 -21.45 2.10 -14.00
C ILE A 102 -22.21 3.41 -14.22
N ALA A 103 -21.72 4.23 -15.14
CA ALA A 103 -22.38 5.51 -15.43
C ALA A 103 -23.19 5.45 -16.74
N ASN A 104 -23.86 6.55 -17.10
CA ASN A 104 -24.67 6.60 -18.33
C ASN A 104 -23.83 6.59 -19.60
N VAL A 105 -22.63 7.15 -19.54
CA VAL A 105 -21.78 7.21 -20.72
C VAL A 105 -21.38 5.80 -21.10
N HIS A 106 -21.63 4.86 -20.20
CA HIS A 106 -21.31 3.46 -20.43
C HIS A 106 -22.41 2.75 -21.23
N GLU A 107 -23.21 3.51 -21.96
CA GLU A 107 -24.30 2.94 -22.76
C GLU A 107 -23.85 1.83 -23.70
N PRO A 108 -22.69 1.98 -24.35
CA PRO A 108 -22.20 0.95 -25.27
C PRO A 108 -22.26 -0.46 -24.69
N LEU A 109 -22.24 -0.55 -23.37
CA LEU A 109 -22.30 -1.83 -22.67
C LEU A 109 -23.52 -2.62 -23.11
N ILE A 110 -24.65 -1.95 -23.27
CA ILE A 110 -25.88 -2.63 -23.64
C ILE A 110 -25.70 -3.59 -24.83
N ASP A 111 -25.15 -3.10 -25.94
CA ASP A 111 -24.93 -3.97 -27.08
C ASP A 111 -24.00 -5.13 -26.76
N HIS A 112 -22.95 -4.88 -25.98
CA HIS A 112 -22.01 -5.95 -25.64
C HIS A 112 -22.71 -7.07 -24.86
N ILE A 113 -23.79 -6.70 -24.19
CA ILE A 113 -24.56 -7.65 -23.41
C ILE A 113 -25.42 -8.47 -24.37
N LYS A 114 -26.15 -7.77 -25.24
CA LYS A 114 -27.00 -8.44 -26.22
C LYS A 114 -26.23 -9.44 -27.10
N ASN A 115 -24.99 -9.10 -27.44
CA ASN A 115 -24.15 -9.95 -28.28
C ASN A 115 -23.30 -10.96 -27.52
N GLY A 116 -23.58 -11.11 -26.23
CA GLY A 116 -22.85 -12.06 -25.41
C GLY A 116 -21.41 -11.72 -25.03
N VAL A 117 -20.96 -10.50 -25.31
CA VAL A 117 -19.59 -10.14 -24.96
C VAL A 117 -19.43 -10.09 -23.45
N VAL A 118 -20.44 -9.54 -22.77
CA VAL A 118 -20.47 -9.46 -21.32
C VAL A 118 -21.65 -10.32 -20.85
N THR A 119 -21.36 -11.24 -19.94
CA THR A 119 -22.37 -12.19 -19.44
C THR A 119 -22.69 -12.06 -17.96
N ASN A 120 -21.86 -11.32 -17.23
CA ASN A 120 -22.03 -11.10 -15.79
C ASN A 120 -21.51 -9.73 -15.43
N ILE A 121 -22.25 -9.05 -14.55
CA ILE A 121 -21.90 -7.70 -14.13
C ILE A 121 -22.02 -7.55 -12.61
N THR A 122 -21.08 -6.83 -12.01
CA THR A 122 -21.14 -6.55 -10.57
C THR A 122 -20.64 -5.12 -10.33
N SER A 123 -21.38 -4.36 -9.53
CA SER A 123 -20.97 -3.00 -9.21
C SER A 123 -21.90 -2.30 -8.23
N SER A 124 -21.64 -1.02 -8.02
CA SER A 124 -22.43 -0.22 -7.10
C SER A 124 -23.74 0.15 -7.75
N GLY A 125 -23.66 0.66 -8.97
CA GLY A 125 -24.86 1.06 -9.66
C GLY A 125 -24.82 0.87 -11.16
N LEU A 126 -25.92 1.17 -11.83
CA LEU A 126 -25.95 1.01 -13.26
C LEU A 126 -26.43 2.31 -13.90
N ARG A 127 -27.07 3.16 -13.09
CA ARG A 127 -27.62 4.45 -13.54
C ARG A 127 -28.74 4.26 -14.54
N ASP A 128 -29.20 5.38 -15.10
CA ASP A 128 -30.31 5.44 -16.05
C ASP A 128 -30.30 4.44 -17.21
N LYS A 129 -29.45 4.68 -18.20
CA LYS A 129 -29.36 3.85 -19.40
C LYS A 129 -29.07 2.35 -19.19
N VAL A 130 -27.89 2.03 -18.65
CA VAL A 130 -27.56 0.63 -18.43
C VAL A 130 -28.58 -0.04 -17.51
N GLY A 131 -28.97 0.66 -16.46
CA GLY A 131 -29.94 0.13 -15.53
C GLY A 131 -31.28 -0.15 -16.18
N ALA A 132 -31.69 0.72 -17.09
CA ALA A 132 -32.96 0.58 -17.82
C ALA A 132 -32.91 -0.73 -18.58
N ALA A 133 -31.86 -0.90 -19.38
CA ALA A 133 -31.69 -2.13 -20.14
C ALA A 133 -31.79 -3.34 -19.21
N ILE A 134 -30.90 -3.42 -18.22
CA ILE A 134 -30.91 -4.55 -17.29
C ILE A 134 -32.28 -4.83 -16.68
N SER A 135 -33.04 -3.77 -16.46
CA SER A 135 -34.36 -3.91 -15.86
C SER A 135 -35.38 -4.52 -16.82
N GLU A 136 -35.07 -4.53 -18.12
CA GLU A 136 -36.00 -5.10 -19.09
C GLU A 136 -35.63 -6.53 -19.46
N GLY A 137 -34.64 -7.08 -18.77
CA GLY A 137 -34.25 -8.45 -19.04
C GLY A 137 -33.15 -8.71 -20.04
N ILE A 138 -32.42 -7.68 -20.43
CA ILE A 138 -31.33 -7.83 -21.39
C ILE A 138 -30.38 -8.98 -21.06
N GLU A 140 -29.02 -12.49 -19.22
CA GLU A 140 -29.59 -13.75 -18.82
C GLU A 140 -29.30 -13.94 -17.33
N ASN A 141 -28.07 -13.64 -16.93
CA ASN A 141 -27.68 -13.74 -15.52
C ASN A 141 -28.04 -12.45 -14.77
N PRO A 142 -28.24 -12.55 -13.45
CA PRO A 142 -28.58 -11.37 -12.64
C PRO A 142 -27.36 -10.50 -12.35
N VAL A 143 -27.54 -9.18 -12.39
CA VAL A 143 -26.44 -8.28 -12.07
C VAL A 143 -26.23 -8.39 -10.57
N ILE A 144 -24.99 -8.53 -10.11
CA ILE A 144 -24.73 -8.63 -8.68
C ILE A 144 -24.38 -7.24 -8.12
N ILE A 145 -25.24 -6.67 -7.31
CA ILE A 145 -24.91 -5.36 -6.78
C ILE A 145 -24.32 -5.48 -5.39
N ARG A 146 -23.21 -4.79 -5.20
CA ARG A 146 -22.53 -4.79 -3.91
C ARG A 146 -22.21 -3.35 -3.51
N SER A 147 -22.15 -3.07 -2.21
CA SER A 147 -21.82 -1.75 -1.72
C SER A 147 -20.31 -1.56 -1.94
N HIS A 148 -19.80 -0.33 -1.81
CA HIS A 148 -18.36 -0.12 -2.00
C HIS A 148 -17.60 -1.06 -1.06
N GLY A 149 -18.08 -1.20 0.17
CA GLY A 149 -17.43 -2.08 1.11
C GLY A 149 -17.60 -3.54 0.69
N GLY A 150 -18.80 -3.90 0.23
CA GLY A 150 -19.05 -5.27 -0.20
C GLY A 150 -18.12 -5.71 -1.31
N ARG A 151 -17.85 -4.81 -2.25
CA ARG A 151 -16.97 -5.11 -3.37
C ARG A 151 -15.57 -5.34 -2.82
N ALA A 152 -15.16 -4.46 -1.92
CA ALA A 152 -13.83 -4.59 -1.33
C ALA A 152 -13.81 -5.91 -0.54
N ARG A 153 -14.87 -6.20 0.21
CA ARG A 153 -14.91 -7.44 0.97
C ARG A 153 -14.79 -8.65 0.04
N ALA A 154 -15.63 -8.70 -1.00
CA ALA A 154 -15.60 -9.81 -1.95
C ALA A 154 -14.23 -10.04 -2.56
N ILE A 155 -13.62 -8.99 -3.06
CA ILE A 155 -12.31 -9.12 -3.68
C ILE A 155 -11.28 -9.64 -2.69
N ALA A 156 -11.32 -9.16 -1.46
CA ALA A 156 -10.35 -9.60 -0.47
C ALA A 156 -10.61 -11.02 0.04
N THR A 157 -11.87 -11.41 0.11
CA THR A 157 -12.27 -12.74 0.57
C THR A 157 -12.03 -13.77 -0.52
N ASP A 158 -11.78 -13.27 -1.72
CA ASP A 158 -11.54 -14.09 -2.90
C ASP A 158 -12.80 -14.80 -3.38
N ASP A 159 -13.97 -14.41 -2.91
CA ASP A 159 -15.13 -15.09 -3.41
C ASP A 159 -15.44 -14.47 -4.77
N ILE A 160 -14.44 -13.75 -5.28
CA ILE A 160 -14.48 -13.10 -6.59
C ILE A 160 -13.01 -12.85 -6.90
N HIS A 161 -12.60 -13.00 -8.16
CA HIS A 161 -11.18 -12.81 -8.49
C HIS A 161 -10.98 -12.15 -9.86
N ILE A 162 -10.28 -11.02 -9.85
CA ILE A 162 -10.06 -10.27 -11.08
C ILE A 162 -8.89 -10.80 -11.90
N ASP A 163 -9.17 -11.16 -13.15
CA ASP A 163 -8.11 -11.65 -14.03
C ASP A 163 -7.28 -10.50 -14.54
N VAL A 164 -7.96 -9.50 -15.09
CA VAL A 164 -7.26 -8.35 -15.60
C VAL A 164 -8.00 -7.09 -15.21
N ALA A 165 -7.27 -6.14 -14.66
CA ALA A 165 -7.88 -4.87 -14.28
C ALA A 165 -7.38 -3.78 -15.21
N PHE A 166 -8.31 -3.15 -15.91
CA PHE A 166 -7.96 -2.06 -16.80
C PHE A 166 -8.27 -0.79 -16.04
N LEU A 167 -7.24 -0.14 -15.51
CA LEU A 167 -7.42 1.09 -14.72
C LEU A 167 -6.98 2.38 -15.40
N GLY A 168 -7.83 3.41 -15.37
CA GLY A 168 -7.45 4.67 -15.97
C GLY A 168 -6.69 5.51 -14.96
N ALA A 169 -5.59 6.14 -15.38
CA ALA A 169 -4.81 6.99 -14.49
C ALA A 169 -4.40 8.25 -15.23
N PRO A 170 -4.79 9.42 -14.68
CA PRO A 170 -4.42 10.68 -15.34
C PRO A 170 -2.92 10.90 -15.52
N SER A 171 -2.11 10.10 -14.86
CA SER A 171 -0.65 10.19 -15.00
C SER A 171 0.00 8.87 -14.61
N SER A 172 1.13 8.56 -15.24
CA SER A 172 1.85 7.32 -14.95
C SER A 172 3.19 7.28 -15.68
N ASP A 173 4.19 6.63 -15.12
CA ASP A 173 5.47 6.54 -15.83
C ASP A 173 5.39 5.27 -16.65
N ALA A 174 6.47 4.94 -17.34
CA ALA A 174 6.49 3.75 -18.18
C ALA A 174 6.79 2.51 -17.38
N TYR A 175 6.54 2.57 -16.08
CA TYR A 175 6.78 1.40 -15.26
C TYR A 175 5.58 1.09 -14.38
N GLY A 176 4.60 1.99 -14.35
CA GLY A 176 3.40 1.77 -13.56
C GLY A 176 3.03 2.69 -12.39
N ASN A 177 3.97 3.50 -11.89
CA ASN A 177 3.65 4.40 -10.80
C ASN A 177 2.63 5.43 -11.34
N ALA A 178 1.42 5.41 -10.79
CA ALA A 178 0.35 6.31 -11.25
C ALA A 178 -0.36 7.06 -10.13
N ASN A 179 -1.00 8.16 -10.47
CA ASN A 179 -1.74 8.91 -9.47
C ASN A 179 -2.89 9.61 -10.16
N GLY A 180 -3.84 10.14 -9.38
CA GLY A 180 -4.97 10.80 -9.99
C GLY A 180 -4.98 12.30 -9.81
N THR A 181 -3.85 12.87 -9.42
CA THR A 181 -3.77 14.29 -9.19
C THR A 181 -2.81 15.02 -10.11
N ARG A 182 -2.35 14.35 -11.15
CA ARG A 182 -1.44 14.97 -12.10
C ARG A 182 -1.83 14.49 -13.49
N GLY A 183 -1.85 15.40 -14.46
CA GLY A 183 -2.23 15.03 -15.81
C GLY A 183 -3.24 15.99 -16.40
N LYS A 184 -3.58 15.83 -17.68
CA LYS A 184 -4.56 16.73 -18.30
C LYS A 184 -5.98 16.27 -18.03
N THR A 185 -6.13 15.10 -17.42
CA THR A 185 -7.45 14.60 -17.14
C THR A 185 -7.45 13.95 -15.76
N THR A 186 -7.29 14.78 -14.72
CA THR A 186 -7.26 14.28 -13.34
C THR A 186 -8.63 13.96 -12.77
N CYS A 187 -8.65 13.26 -11.64
CA CYS A 187 -9.91 12.92 -10.99
C CYS A 187 -9.69 12.89 -9.47
N GLY A 188 -8.47 13.19 -9.05
CA GLY A 188 -8.16 13.19 -7.64
C GLY A 188 -7.86 11.80 -7.08
N SER A 189 -8.59 11.43 -6.04
CA SER A 189 -8.40 10.14 -5.43
C SER A 189 -8.63 8.97 -6.38
N LEU A 190 -8.04 7.83 -6.04
CA LEU A 190 -8.16 6.61 -6.84
C LEU A 190 -8.48 5.43 -5.91
N GLY A 191 -9.21 5.71 -4.85
CA GLY A 191 -9.57 4.70 -3.87
C GLY A 191 -10.24 3.44 -4.37
N TYR A 192 -11.10 3.53 -5.37
CA TYR A 192 -11.74 2.32 -5.85
C TYR A 192 -10.75 1.54 -6.71
N ALA A 193 -9.94 2.22 -7.51
CA ALA A 193 -8.97 1.52 -8.36
C ALA A 193 -7.81 0.91 -7.58
N ILE A 195 -7.72 -0.77 -4.91
CA ILE A 195 -7.95 -2.11 -4.43
C ILE A 195 -7.82 -3.08 -5.59
N ASP A 196 -8.28 -2.69 -6.76
CA ASP A 196 -8.17 -3.54 -7.93
C ASP A 196 -6.72 -3.89 -8.20
N ALA A 197 -5.88 -2.88 -8.28
CA ALA A 197 -4.47 -3.12 -8.59
C ALA A 197 -3.76 -3.91 -7.52
N LYS A 198 -4.39 -4.02 -6.36
CA LYS A 198 -3.78 -4.74 -5.25
C LYS A 198 -4.14 -6.23 -5.24
N TYR A 199 -5.33 -6.57 -5.72
CA TYR A 199 -5.75 -7.96 -5.72
C TYR A 199 -5.87 -8.63 -7.09
N ALA A 200 -5.90 -7.85 -8.15
CA ALA A 200 -6.03 -8.40 -9.50
C ALA A 200 -4.76 -9.15 -9.90
N ASP A 201 -4.92 -10.15 -10.76
CA ASP A 201 -3.77 -10.91 -11.22
C ASP A 201 -2.89 -10.06 -12.14
N GLN A 202 -3.52 -9.49 -13.16
CA GLN A 202 -2.84 -8.63 -14.08
C GLN A 202 -3.51 -7.26 -14.10
N VAL A 203 -2.68 -6.22 -14.05
CA VAL A 203 -3.15 -4.84 -14.04
C VAL A 203 -2.61 -4.08 -15.24
N VAL A 204 -3.52 -3.45 -15.97
CA VAL A 204 -3.17 -2.65 -17.14
C VAL A 204 -3.63 -1.22 -16.87
N ILE A 205 -2.71 -0.27 -16.64
CA ILE A 205 -3.17 1.08 -16.42
C ILE A 205 -3.12 1.83 -17.76
N VAL A 206 -4.18 2.57 -18.07
CA VAL A 206 -4.30 3.32 -19.32
C VAL A 206 -4.17 4.80 -18.96
N THR A 207 -3.06 5.41 -19.35
CA THR A 207 -2.85 6.80 -19.01
C THR A 207 -3.08 7.72 -20.17
N ASP A 208 -3.31 8.97 -19.81
CA ASP A 208 -3.58 10.01 -20.76
C ASP A 208 -2.35 10.86 -20.93
N THR A 209 -1.46 10.81 -19.93
CA THR A 209 -0.24 11.58 -19.97
C THR A 209 0.88 10.78 -19.37
N LEU A 210 1.94 10.59 -20.14
CA LEU A 210 3.11 9.82 -19.71
C LEU A 210 4.15 10.71 -19.05
N VAL A 211 4.51 10.36 -17.82
CA VAL A 211 5.48 11.14 -17.08
C VAL A 211 6.81 10.40 -16.93
N PRO A 212 7.93 11.15 -16.91
CA PRO A 212 9.24 10.49 -16.76
C PRO A 212 9.35 9.82 -15.38
N TYR A 213 10.06 8.71 -15.35
CA TYR A 213 10.27 7.94 -14.13
C TYR A 213 11.19 8.66 -13.16
N PRO A 214 10.88 8.63 -11.86
CA PRO A 214 9.72 7.97 -11.24
C PRO A 214 8.60 9.00 -11.04
N ASN A 215 7.35 8.59 -11.26
CA ASN A 215 6.23 9.49 -11.09
C ASN A 215 5.85 9.53 -9.60
N THR A 216 5.45 10.71 -9.14
CA THR A 216 5.02 10.91 -7.75
C THR A 216 4.06 12.08 -7.67
N PRO A 217 3.10 12.05 -6.73
CA PRO A 217 2.84 11.02 -5.72
C PRO A 217 2.52 9.68 -6.40
N ILE A 218 2.44 8.62 -5.60
CA ILE A 218 2.15 7.30 -6.12
C ILE A 218 0.91 6.68 -5.49
N SER A 219 -0.19 6.61 -6.22
CA SER A 219 -1.40 6.00 -5.66
C SER A 219 -1.41 4.50 -5.99
N ILE A 220 -0.80 4.16 -7.12
CA ILE A 220 -0.68 2.78 -7.56
C ILE A 220 0.80 2.60 -7.93
N PRO A 221 1.50 1.74 -7.18
CA PRO A 221 2.93 1.45 -7.39
C PRO A 221 3.22 0.55 -8.59
N GLN A 222 4.43 0.68 -9.11
CA GLN A 222 4.87 -0.10 -10.26
C GLN A 222 4.78 -1.60 -9.95
N THR A 223 4.86 -1.94 -8.66
CA THR A 223 4.79 -3.33 -8.23
C THR A 223 3.42 -3.97 -8.36
N ASP A 224 2.42 -3.17 -8.70
CA ASP A 224 1.07 -3.70 -8.89
C ASP A 224 0.65 -3.63 -10.34
N VAL A 225 1.49 -3.04 -11.19
CA VAL A 225 1.13 -2.87 -12.59
C VAL A 225 1.89 -3.79 -13.54
N ASP A 226 1.21 -4.28 -14.57
CA ASP A 226 1.88 -5.17 -15.51
C ASP A 226 2.18 -4.45 -16.81
N TYR A 227 1.20 -3.68 -17.30
CA TYR A 227 1.38 -2.98 -18.56
C TYR A 227 0.83 -1.56 -18.52
N ILE A 228 1.43 -0.69 -19.32
CA ILE A 228 0.99 0.69 -19.40
C ILE A 228 0.73 1.02 -20.85
N VAL A 229 -0.42 1.62 -21.12
CA VAL A 229 -0.76 1.99 -22.46
C VAL A 229 -1.15 3.45 -22.48
N VAL A 230 -0.60 4.19 -23.43
CA VAL A 230 -0.89 5.61 -23.55
C VAL A 230 -1.92 5.85 -24.64
N VAL A 231 -2.90 6.71 -24.38
CA VAL A 231 -3.92 7.03 -25.37
C VAL A 231 -4.12 8.55 -25.44
N ASP A 232 -4.83 9.01 -26.47
CA ASP A 232 -5.05 10.44 -26.63
C ASP A 232 -5.87 11.05 -25.48
N ALA A 233 -6.85 10.30 -24.98
CA ALA A 233 -7.71 10.78 -23.87
C ALA A 233 -8.39 9.65 -23.13
N ILE A 234 -8.30 9.66 -21.82
CA ILE A 234 -8.93 8.62 -21.03
C ILE A 234 -10.25 9.11 -20.49
N GLY A 235 -10.42 10.42 -20.47
CA GLY A 235 -11.67 10.98 -19.98
C GLY A 235 -12.01 12.28 -20.68
N ASP A 236 -13.27 12.68 -20.58
CA ASP A 236 -13.74 13.90 -21.20
C ASP A 236 -13.09 15.11 -20.54
N PRO A 237 -12.49 16.00 -21.35
CA PRO A 237 -11.81 17.21 -20.88
C PRO A 237 -12.49 17.93 -19.73
N GLU A 238 -13.51 18.73 -20.05
CA GLU A 238 -14.23 19.47 -19.02
C GLU A 238 -15.05 18.57 -18.10
N GLY A 239 -15.07 17.27 -18.41
CA GLY A 239 -15.82 16.33 -17.61
C GLY A 239 -15.30 16.19 -16.19
N ILE A 240 -14.27 16.96 -15.86
CA ILE A 240 -13.67 16.94 -14.53
C ILE A 240 -12.81 18.19 -14.32
N ALA A 241 -12.68 19.00 -15.38
CA ALA A 241 -11.89 20.23 -15.29
C ALA A 241 -12.77 21.44 -14.99
N LYS A 242 -14.04 21.18 -14.72
CA LYS A 242 -15.01 22.23 -14.41
C LYS A 242 -14.73 22.86 -13.04
N GLY A 243 -15.80 23.22 -12.33
CA GLY A 243 -15.64 23.84 -11.01
C GLY A 243 -16.38 23.12 -9.89
N ALA A 244 -16.59 23.81 -8.78
CA ALA A 244 -17.27 23.23 -7.63
C ALA A 244 -18.77 23.42 -7.71
N THR A 245 -19.52 22.57 -7.03
CA THR A 245 -20.97 22.71 -7.05
C THR A 245 -21.45 23.36 -5.76
N ARG A 246 -21.96 24.57 -5.89
CA ARG A 246 -22.44 25.32 -4.74
C ARG A 246 -23.67 24.67 -4.13
N TYR A 247 -24.04 25.12 -2.94
CA TYR A 247 -25.20 24.60 -2.22
C TYR A 247 -26.50 24.85 -2.97
N THR A 248 -27.58 24.29 -2.45
CA THR A 248 -28.88 24.44 -3.07
C THR A 248 -29.54 25.77 -2.73
N LYS A 249 -30.61 26.09 -3.45
CA LYS A 249 -31.35 27.33 -3.25
C LYS A 249 -32.78 26.98 -2.88
N ASN A 250 -33.16 25.74 -3.16
CA ASN A 250 -34.51 25.25 -2.86
C ASN A 250 -34.83 25.35 -1.38
N PRO A 251 -35.74 26.25 -1.02
CA PRO A 251 -36.12 26.45 0.38
C PRO A 251 -36.51 25.18 1.13
N LYS A 252 -37.25 24.29 0.46
CA LYS A 252 -37.66 23.05 1.11
C LYS A 252 -36.41 22.26 1.49
N GLU A 253 -35.47 22.13 0.55
CA GLU A 253 -34.25 21.39 0.85
C GLU A 253 -33.45 22.05 1.96
N LEU A 254 -33.32 23.37 1.90
CA LEU A 254 -32.57 24.11 2.92
C LEU A 254 -33.16 23.92 4.33
N LEU A 255 -34.46 23.75 4.41
CA LEU A 255 -35.11 23.53 5.68
C LEU A 255 -34.73 22.14 6.17
N ILE A 256 -34.76 21.18 5.25
CA ILE A 256 -34.40 19.81 5.60
C ILE A 256 -32.95 19.80 6.06
N ALA A 257 -32.09 20.49 5.32
CA ALA A 257 -30.69 20.55 5.69
C ALA A 257 -30.54 21.12 7.10
N GLU A 258 -31.22 22.25 7.34
CA GLU A 258 -31.14 22.88 8.64
C GLU A 258 -31.62 21.99 9.78
N TYR A 259 -32.73 21.29 9.57
CA TYR A 259 -33.24 20.39 10.60
C TYR A 259 -32.18 19.31 10.83
N ALA A 260 -31.57 18.82 9.76
CA ALA A 260 -30.54 17.80 9.86
C ALA A 260 -29.37 18.27 10.73
N ALA A 261 -28.90 19.49 10.47
CA ALA A 261 -27.79 20.03 11.24
C ALA A 261 -28.12 20.18 12.72
N LYS A 262 -29.38 20.55 13.03
CA LYS A 262 -29.79 20.70 14.42
C LYS A 262 -29.77 19.36 15.13
N VAL A 263 -30.07 18.30 14.38
CA VAL A 263 -30.04 16.98 14.99
C VAL A 263 -28.59 16.62 15.34
N ILE A 264 -27.67 16.90 14.41
CA ILE A 264 -26.24 16.62 14.62
C ILE A 264 -25.66 17.48 15.74
N THR A 265 -25.85 18.79 15.65
CA THR A 265 -25.32 19.68 16.67
C THR A 265 -26.01 19.53 18.02
N SER A 266 -27.07 18.75 18.11
CA SER A 266 -27.72 18.56 19.40
C SER A 266 -27.52 17.12 19.84
N SER A 267 -26.81 16.35 19.04
CA SER A 267 -26.61 14.95 19.39
C SER A 267 -25.51 14.79 20.43
N PRO A 268 -25.47 13.64 21.10
CA PRO A 268 -24.43 13.41 22.12
C PRO A 268 -23.07 13.12 21.49
N TYR A 269 -22.92 13.43 20.21
CA TYR A 269 -21.67 13.17 19.52
C TYR A 269 -21.04 14.49 19.08
N TYR A 270 -21.82 15.56 19.16
CA TYR A 270 -21.34 16.88 18.78
C TYR A 270 -20.51 17.48 19.92
N LYS A 271 -19.20 17.45 19.72
CA LYS A 271 -18.24 17.98 20.68
C LYS A 271 -16.90 18.08 19.98
N GLU A 272 -15.91 18.66 20.64
CA GLU A 272 -14.60 18.81 20.04
C GLU A 272 -14.07 17.48 19.48
N GLY A 273 -13.50 17.51 18.28
CA GLY A 273 -12.95 16.32 17.66
C GLY A 273 -13.90 15.23 17.17
N PHE A 274 -15.07 15.62 16.69
CA PHE A 274 -16.07 14.67 16.21
C PHE A 274 -15.90 14.50 14.71
N SER A 275 -16.26 13.33 14.18
CA SER A 275 -16.13 13.06 12.75
C SER A 275 -17.48 13.06 12.07
N PHE A 276 -17.49 13.22 10.75
CA PHE A 276 -18.75 13.23 10.03
C PHE A 276 -18.56 13.08 8.52
N GLN A 277 -19.66 12.74 7.87
CA GLN A 277 -19.68 12.62 6.42
C GLN A 277 -21.02 13.18 5.94
N THR A 278 -20.96 14.09 4.97
CA THR A 278 -22.17 14.69 4.41
C THR A 278 -22.32 14.32 2.95
N GLY A 279 -23.46 14.67 2.39
CA GLY A 279 -23.75 14.35 1.01
C GLY A 279 -22.90 15.05 -0.02
N THR A 280 -23.16 14.73 -1.28
CA THR A 280 -22.43 15.33 -2.37
C THR A 280 -23.36 16.24 -3.20
N GLY A 281 -24.51 16.58 -2.64
CA GLY A 281 -25.45 17.44 -3.34
C GLY A 281 -26.78 17.49 -2.61
N GLY A 282 -27.70 18.32 -3.07
CA GLY A 282 -28.99 18.41 -2.40
C GLY A 282 -28.91 18.87 -0.96
N ALA A 283 -29.91 18.48 -0.17
CA ALA A 283 -29.96 18.86 1.23
C ALA A 283 -28.85 18.18 2.03
N SER A 284 -28.55 16.93 1.69
CA SER A 284 -27.51 16.18 2.38
C SER A 284 -26.18 16.93 2.34
N LEU A 285 -25.95 17.72 1.29
CA LEU A 285 -24.73 18.49 1.19
C LEU A 285 -24.85 19.80 1.93
N ALA A 286 -25.96 20.50 1.70
CA ALA A 286 -26.20 21.79 2.32
C ALA A 286 -26.10 21.76 3.83
N VAL A 287 -26.41 20.62 4.43
CA VAL A 287 -26.36 20.51 5.87
C VAL A 287 -25.03 21.05 6.42
N THR A 288 -23.96 20.96 5.64
CA THR A 288 -22.66 21.45 6.11
C THR A 288 -22.64 22.97 6.35
N ARG A 289 -23.46 23.72 5.60
CA ARG A 289 -23.52 25.16 5.77
C ARG A 289 -23.98 25.51 7.17
N PHE A 290 -25.13 24.97 7.57
CA PHE A 290 -25.69 25.24 8.89
C PHE A 290 -24.82 24.66 9.98
N ARG A 292 -21.50 24.27 9.90
CA ARG A 292 -20.34 25.17 10.02
C ARG A 292 -20.68 26.35 10.96
N GLU A 293 -21.80 27.01 10.68
CA GLU A 293 -22.27 28.14 11.46
C GLU A 293 -22.30 27.76 12.94
N GLN A 294 -22.91 26.63 13.26
CA GLN A 294 -22.99 26.21 14.64
C GLN A 294 -21.63 25.87 15.20
N ILE A 296 -18.95 27.33 14.38
CA ILE A 296 -18.28 28.61 14.57
C ILE A 296 -18.81 29.28 15.85
N LYS A 297 -20.13 29.29 16.04
CA LYS A 297 -20.71 29.89 17.25
C LYS A 297 -19.98 29.31 18.46
N ASP A 298 -19.91 27.98 18.50
CA ASP A 298 -19.19 27.26 19.54
C ASP A 298 -17.76 27.28 19.04
N ASP A 299 -16.81 26.76 19.78
CA ASP A 299 -15.46 26.79 19.26
C ASP A 299 -15.00 25.37 18.97
N ILE A 300 -15.98 24.49 18.79
CA ILE A 300 -15.71 23.08 18.53
C ILE A 300 -15.13 22.86 17.14
N LYS A 301 -14.23 21.89 17.05
CA LYS A 301 -13.57 21.56 15.80
C LYS A 301 -13.63 20.06 15.56
N ALA A 302 -13.98 19.68 14.33
CA ALA A 302 -14.08 18.27 13.97
C ALA A 302 -12.70 17.72 13.62
N ASN A 303 -12.46 16.45 13.96
CA ASN A 303 -11.17 15.81 13.66
C ASN A 303 -11.00 15.47 12.18
N PHE A 304 -12.05 14.98 11.53
CA PHE A 304 -11.95 14.67 10.11
C PHE A 304 -13.30 14.49 9.42
N ALA A 305 -13.27 14.64 8.10
CA ALA A 305 -14.43 14.47 7.25
C ALA A 305 -14.09 13.30 6.29
N LEU A 306 -15.11 12.56 5.86
CA LEU A 306 -14.89 11.42 4.99
C LEU A 306 -15.72 11.39 3.72
N GLY A 307 -15.62 10.29 3.01
CA GLY A 307 -16.40 10.07 1.81
C GLY A 307 -15.94 10.64 0.49
N GLY A 308 -16.95 11.07 -0.26
CA GLY A 308 -16.74 11.71 -1.53
C GLY A 308 -16.68 13.15 -1.10
N ILE A 309 -15.52 13.74 -1.28
CA ILE A 309 -15.26 15.11 -0.90
C ILE A 309 -15.81 16.08 -1.92
N THR A 310 -16.23 17.25 -1.46
CA THR A 310 -16.74 18.31 -2.33
C THR A 310 -16.01 19.56 -1.87
N ASN A 311 -16.10 20.64 -2.66
CA ASN A 311 -15.42 21.88 -2.30
C ASN A 311 -15.83 22.38 -0.92
N ALA A 312 -17.05 22.12 -0.49
CA ALA A 312 -17.50 22.55 0.82
C ALA A 312 -16.62 21.95 1.89
N VAL A 314 -13.40 21.02 1.41
CA VAL A 314 -12.10 21.64 1.31
C VAL A 314 -12.18 22.97 2.04
N GLU A 315 -13.30 23.64 1.83
CA GLU A 315 -13.56 24.92 2.46
C GLU A 315 -13.35 24.79 3.96
N LEU A 316 -13.99 23.81 4.58
CA LEU A 316 -13.85 23.60 6.02
C LEU A 316 -12.44 23.26 6.48
N LEU A 317 -11.73 22.50 5.65
CA LEU A 317 -10.36 22.11 5.99
C LEU A 317 -9.44 23.33 6.00
N GLU A 318 -9.76 24.32 5.17
CA GLU A 318 -8.94 25.52 5.09
C GLU A 318 -9.30 26.50 6.22
N GLU A 319 -10.57 26.59 6.58
CA GLU A 319 -11.00 27.48 7.64
C GLU A 319 -10.57 26.93 9.00
N GLY A 320 -9.89 25.80 8.97
CA GLY A 320 -9.45 25.20 10.22
C GLY A 320 -10.57 24.60 11.05
N LEU A 321 -11.72 24.31 10.44
CA LEU A 321 -12.83 23.72 11.19
C LEU A 321 -12.79 22.21 11.25
N VAL A 322 -12.06 21.60 10.33
CA VAL A 322 -11.91 20.16 10.32
C VAL A 322 -10.41 19.91 10.14
N ASP A 323 -9.85 19.17 11.09
CA ASP A 323 -8.42 18.89 11.08
C ASP A 323 -7.89 18.10 9.89
N LYS A 324 -8.47 16.95 9.61
CA LYS A 324 -8.02 16.14 8.49
C LYS A 324 -9.20 15.76 7.64
N ILE A 325 -8.92 15.16 6.49
CA ILE A 325 -9.98 14.73 5.60
C ILE A 325 -9.51 13.49 4.81
N LEU A 326 -10.25 12.40 4.97
CA LEU A 326 -9.95 11.12 4.30
C LEU A 326 -10.81 11.07 3.04
N ASP A 327 -10.16 10.84 1.91
CA ASP A 327 -10.83 10.86 0.60
C ASP A 327 -10.77 9.55 -0.20
N VAL A 328 -11.94 9.00 -0.51
CA VAL A 328 -11.97 7.77 -1.29
C VAL A 328 -12.43 8.10 -2.71
N GLN A 329 -13.04 9.28 -2.86
CA GLN A 329 -13.49 9.72 -4.16
C GLN A 329 -13.84 11.21 -4.15
N ASP A 330 -13.42 11.91 -5.18
CA ASP A 330 -13.70 13.34 -5.29
C ASP A 330 -14.91 13.56 -6.17
N PHE A 331 -15.69 14.59 -5.84
CA PHE A 331 -16.88 14.90 -6.61
C PHE A 331 -16.84 16.23 -7.38
N ASP A 332 -15.66 16.83 -7.50
CA ASP A 332 -15.47 18.07 -8.25
C ASP A 332 -14.00 18.41 -8.35
N HIS A 333 -13.62 19.11 -9.41
CA HIS A 333 -12.22 19.45 -9.63
C HIS A 333 -11.49 20.03 -8.41
N PRO A 334 -12.07 21.05 -7.76
CA PRO A 334 -11.40 21.64 -6.60
C PRO A 334 -11.05 20.64 -5.50
N SER A 335 -11.91 19.65 -5.27
CA SER A 335 -11.62 18.63 -4.25
C SER A 335 -10.45 17.77 -4.70
N ALA A 336 -10.40 17.47 -5.98
CA ALA A 336 -9.31 16.66 -6.47
C ALA A 336 -8.04 17.51 -6.32
N VAL A 337 -8.14 18.80 -6.60
CA VAL A 337 -6.97 19.66 -6.49
C VAL A 337 -6.45 19.71 -5.07
N SER A 338 -7.37 19.83 -4.13
CA SER A 338 -7.05 19.90 -2.71
C SER A 338 -6.27 18.68 -2.23
N LEU A 339 -6.60 17.52 -2.77
CA LEU A 339 -5.93 16.28 -2.40
C LEU A 339 -4.43 16.41 -2.59
N ASP A 340 -4.04 17.31 -3.47
CA ASP A 340 -2.64 17.53 -3.74
C ASP A 340 -2.10 18.76 -3.01
N ARG A 341 -2.88 19.83 -3.02
CA ARG A 341 -2.51 21.10 -2.39
C ARG A 341 -2.32 21.00 -0.87
N ASN A 342 -3.32 20.48 -0.17
CA ASN A 342 -3.23 20.36 1.27
C ASN A 342 -2.76 18.98 1.70
N ALA A 343 -1.66 18.50 1.11
CA ALA A 343 -1.13 17.17 1.42
C ALA A 343 -1.16 16.86 2.91
N GLU A 344 -1.20 15.57 3.23
CA GLU A 344 -1.23 15.07 4.61
C GLU A 344 -2.57 15.38 5.29
N LYS A 345 -3.02 16.62 5.20
CA LYS A 345 -4.28 17.05 5.81
C LYS A 345 -5.46 16.51 4.98
N HIS A 346 -5.21 16.25 3.71
CA HIS A 346 -6.23 15.69 2.82
C HIS A 346 -5.57 14.42 2.28
N TYR A 347 -5.92 13.27 2.88
CA TYR A 347 -5.32 11.98 2.51
C TYR A 347 -6.17 11.03 1.67
N GLU A 348 -5.51 10.36 0.74
CA GLU A 348 -6.18 9.40 -0.15
C GLU A 348 -6.23 8.01 0.50
N ILE A 349 -7.38 7.35 0.39
CA ILE A 349 -7.54 6.02 0.96
C ILE A 349 -8.26 5.08 -0.01
N ASP A 350 -7.86 3.81 -0.01
CA ASP A 350 -8.48 2.80 -0.85
C ASP A 350 -9.83 2.43 -0.28
N ALA A 351 -10.72 1.96 -1.13
CA ALA A 351 -12.07 1.57 -0.71
C ALA A 351 -12.10 0.54 0.43
N ASN A 352 -11.07 -0.30 0.52
CA ASN A 352 -11.07 -1.29 1.58
C ASN A 352 -10.89 -0.62 2.93
N TYR A 354 -11.58 2.14 3.54
CA TYR A 354 -12.78 2.97 3.62
C TYR A 354 -13.99 2.34 4.29
N ALA A 355 -14.59 1.33 3.65
CA ALA A 355 -15.79 0.77 4.24
C ALA A 355 -15.95 -0.75 4.25
N SER A 356 -14.86 -1.50 4.35
CA SER A 356 -14.96 -2.94 4.36
C SER A 356 -15.33 -3.51 5.70
N PRO A 357 -16.38 -4.35 5.71
CA PRO A 357 -16.83 -4.96 6.95
C PRO A 357 -15.88 -6.08 7.44
N LEU A 358 -15.05 -6.59 6.54
CA LEU A 358 -14.11 -7.65 6.91
C LEU A 358 -12.68 -7.22 6.77
N SER A 359 -12.24 -6.30 7.61
CA SER A 359 -10.88 -5.81 7.55
C SER A 359 -10.35 -5.71 8.96
N LYS A 360 -9.16 -5.15 9.08
CA LYS A 360 -8.59 -4.98 10.39
C LYS A 360 -9.08 -3.65 10.91
N GLY A 361 -9.92 -2.99 10.12
CA GLY A 361 -10.44 -1.70 10.55
C GLY A 361 -10.65 -0.69 9.44
N SER A 362 -11.86 -0.14 9.37
CA SER A 362 -12.21 0.83 8.34
C SER A 362 -12.41 2.22 8.93
N VAL A 363 -12.23 3.26 8.13
CA VAL A 363 -12.39 4.61 8.65
C VAL A 363 -13.84 4.91 9.06
N ILE A 364 -14.80 4.42 8.30
CA ILE A 364 -16.20 4.68 8.65
C ILE A 364 -16.53 4.12 10.04
N ASN A 365 -15.64 3.28 10.54
CA ASN A 365 -15.81 2.70 11.86
C ASN A 365 -15.49 3.75 12.92
N GLN A 366 -14.87 4.85 12.49
CA GLN A 366 -14.54 5.92 13.38
C GLN A 366 -15.42 7.12 13.09
N LEU A 367 -16.46 6.89 12.30
CA LEU A 367 -17.36 7.95 11.94
C LEU A 367 -18.45 8.16 12.98
N ASP A 368 -18.62 9.39 13.47
CA ASP A 368 -19.66 9.66 14.47
C ASP A 368 -21.04 9.88 13.85
N ILE A 369 -21.08 10.52 12.69
CA ILE A 369 -22.38 10.76 12.07
C ILE A 369 -22.29 10.86 10.54
N CYS A 370 -23.33 10.40 9.87
CA CYS A 370 -23.37 10.49 8.42
C CYS A 370 -24.76 10.98 8.01
N VAL A 371 -24.79 11.75 6.91
CA VAL A 371 -26.02 12.30 6.36
C VAL A 371 -26.23 11.67 4.99
N LEU A 372 -27.27 10.85 4.88
CA LEU A 372 -27.58 10.15 3.64
C LEU A 372 -28.91 10.56 3.03
N SER A 373 -29.11 10.26 1.74
CA SER A 373 -30.36 10.60 1.09
C SER A 373 -31.10 9.30 0.77
N ALA A 374 -32.24 9.40 0.11
CA ALA A 374 -33.01 8.19 -0.20
C ALA A 374 -34.07 8.38 -1.26
N LEU A 375 -34.38 7.30 -1.97
CA LEU A 375 -35.44 7.33 -2.98
C LEU A 375 -36.73 6.96 -2.23
N GLU A 376 -36.65 5.92 -1.41
CA GLU A 376 -37.79 5.49 -0.62
C GLU A 376 -37.31 5.11 0.77
N VAL A 377 -38.27 4.94 1.66
CA VAL A 377 -38.00 4.54 3.04
C VAL A 377 -39.36 4.16 3.62
N ASP A 378 -39.51 2.88 3.99
CA ASP A 378 -40.78 2.40 4.52
C ASP A 378 -40.92 2.61 6.04
N THR A 379 -42.02 2.10 6.59
CA THR A 379 -42.31 2.25 8.01
C THR A 379 -41.42 1.35 8.88
N ASN A 380 -40.47 0.68 8.26
CA ASN A 380 -39.56 -0.17 9.01
C ASN A 380 -38.17 0.44 8.97
N PHE A 381 -38.11 1.65 8.45
CA PHE A 381 -36.87 2.39 8.32
C PHE A 381 -35.90 1.85 7.27
N ASN A 382 -36.40 0.95 6.41
CA ASN A 382 -35.56 0.41 5.35
C ASN A 382 -35.42 1.47 4.29
N VAL A 383 -34.23 1.60 3.73
CA VAL A 383 -33.97 2.61 2.72
C VAL A 383 -33.68 2.00 1.35
N ASN A 384 -34.25 2.61 0.30
CA ASN A 384 -34.06 2.19 -1.08
C ASN A 384 -33.38 3.28 -1.88
N VAL A 385 -32.24 2.94 -2.49
CA VAL A 385 -31.50 3.88 -3.31
C VAL A 385 -31.18 3.23 -4.67
N THR A 387 -33.92 1.26 -6.96
CA THR A 387 -35.00 1.42 -7.92
C THR A 387 -35.91 2.61 -7.68
N GLY A 388 -36.46 3.15 -8.77
CA GLY A 388 -37.35 4.29 -8.66
C GLY A 388 -38.81 3.89 -8.57
N SER A 389 -39.69 4.89 -8.66
CA SER A 389 -41.12 4.67 -8.60
C SER A 389 -41.59 3.65 -9.63
N ASP A 390 -41.09 3.79 -10.85
CA ASP A 390 -41.46 2.86 -11.93
C ASP A 390 -40.78 1.49 -11.76
N GLY A 391 -40.09 1.30 -10.63
CA GLY A 391 -39.43 0.02 -10.37
C GLY A 391 -38.21 -0.26 -11.22
N VAL A 392 -37.89 0.67 -12.10
CA VAL A 392 -36.73 0.54 -12.97
C VAL A 392 -35.43 0.86 -12.24
N ILE A 393 -34.44 -0.02 -12.34
CA ILE A 393 -33.17 0.25 -11.70
C ILE A 393 -32.58 1.53 -12.27
N ARG A 394 -31.99 2.37 -11.42
CA ARG A 394 -31.38 3.62 -11.89
C ARG A 394 -30.57 4.26 -10.78
N GLY A 395 -30.49 3.57 -9.65
CA GLY A 395 -29.75 4.08 -8.51
C GLY A 395 -28.37 3.50 -8.35
N ALA A 396 -27.95 3.37 -7.09
CA ALA A 396 -26.65 2.83 -6.75
C ALA A 396 -26.54 2.58 -5.26
N SER A 397 -25.93 1.46 -4.91
CA SER A 397 -25.75 1.10 -3.51
C SER A 397 -24.70 2.01 -2.82
N GLY A 398 -23.63 2.31 -3.55
CA GLY A 398 -22.59 3.15 -2.99
C GLY A 398 -22.15 2.69 -1.60
N GLY A 399 -21.94 3.63 -0.70
CA GLY A 399 -21.52 3.28 0.64
C GLY A 399 -22.65 3.46 1.63
N HIS A 400 -23.85 3.66 1.08
CA HIS A 400 -25.03 3.88 1.89
C HIS A 400 -25.20 2.88 3.04
N CYS A 401 -25.48 1.62 2.75
CA CYS A 401 -25.64 0.65 3.83
C CYS A 401 -24.33 0.50 4.62
N ASP A 402 -23.21 0.87 4.01
CA ASP A 402 -21.90 0.76 4.67
C ASP A 402 -21.76 1.72 5.85
N THR A 403 -21.79 3.01 5.55
CA THR A 403 -21.61 3.99 6.61
C THR A 403 -22.84 3.98 7.53
N ALA A 404 -24.02 3.80 6.94
CA ALA A 404 -25.22 3.80 7.75
C ALA A 404 -25.03 2.86 8.92
N PHE A 405 -24.31 1.78 8.70
CA PHE A 405 -24.09 0.85 9.79
C PHE A 405 -22.96 1.28 10.73
N ALA A 406 -21.81 1.63 10.18
CA ALA A 406 -20.67 2.00 10.97
C ALA A 406 -20.90 3.23 11.83
N ALA A 407 -21.50 4.26 11.24
CA ALA A 407 -21.75 5.52 11.95
C ALA A 407 -22.48 5.34 13.28
N LYS A 408 -22.10 6.16 14.26
CA LYS A 408 -22.71 6.12 15.57
C LYS A 408 -24.14 6.54 15.41
N SER A 410 -26.84 7.48 12.20
CA SER A 410 -27.17 7.62 10.80
C SER A 410 -28.38 8.50 10.54
N LEU A 411 -28.21 9.50 9.70
CA LEU A 411 -29.30 10.39 9.34
C LEU A 411 -29.69 10.17 7.89
N VAL A 412 -30.97 9.97 7.65
CA VAL A 412 -31.46 9.80 6.29
C VAL A 412 -32.43 10.95 6.05
N ILE A 413 -31.98 11.97 5.33
CA ILE A 413 -32.83 13.11 5.07
C ILE A 413 -33.33 13.08 3.63
N SER A 414 -34.57 13.52 3.45
CA SER A 414 -35.21 13.54 2.13
C SER A 414 -36.61 14.14 2.14
N PRO A 415 -36.94 14.95 1.12
CA PRO A 415 -38.27 15.57 1.07
C PRO A 415 -39.36 14.54 1.25
N LEU A 416 -40.48 14.99 1.81
CA LEU A 416 -41.61 14.13 2.07
C LEU A 416 -42.11 13.51 0.77
N VAL A 417 -42.11 14.30 -0.30
CA VAL A 417 -42.56 13.83 -1.61
C VAL A 417 -41.77 14.50 -2.74
N ARG A 418 -41.65 13.79 -3.86
CA ARG A 418 -40.96 14.31 -5.04
C ARG A 418 -41.98 14.25 -6.18
N GLY A 419 -42.50 15.41 -6.56
CA GLY A 419 -43.47 15.44 -7.62
C GLY A 419 -44.70 14.67 -7.20
N ARG A 420 -45.01 13.59 -7.92
CA ARG A 420 -46.16 12.77 -7.61
C ARG A 420 -45.73 11.48 -6.93
N ILE A 421 -44.45 11.39 -6.61
CA ILE A 421 -43.91 10.20 -5.98
C ILE A 421 -43.63 10.42 -4.50
N PRO A 422 -44.18 9.55 -3.64
CA PRO A 422 -43.97 9.66 -2.19
C PRO A 422 -42.63 9.08 -1.78
N THR A 423 -41.92 9.79 -0.92
CA THR A 423 -40.63 9.28 -0.48
C THR A 423 -40.81 8.29 0.66
N PHE A 424 -41.93 8.38 1.36
CA PHE A 424 -42.20 7.47 2.46
C PHE A 424 -43.39 6.56 2.17
N VAL A 425 -43.16 5.26 2.27
CA VAL A 425 -44.21 4.30 1.97
C VAL A 425 -44.23 3.16 2.99
N ASP A 426 -45.16 2.23 2.83
CA ASP A 426 -45.25 1.11 3.75
C ASP A 426 -44.23 0.02 3.46
N LYS A 427 -43.73 -0.04 2.24
CA LYS A 427 -42.76 -1.06 1.88
C LYS A 427 -42.00 -0.59 0.65
N VAL A 428 -40.67 -0.62 0.72
CA VAL A 428 -39.86 -0.19 -0.41
C VAL A 428 -39.75 -1.28 -1.46
N ASN A 429 -39.69 -0.88 -2.73
CA ASN A 429 -39.55 -1.83 -3.83
C ASN A 429 -38.26 -2.63 -3.68
N THR A 430 -37.15 -1.94 -3.45
CA THR A 430 -35.86 -2.60 -3.27
C THR A 430 -35.21 -2.15 -1.96
N VAL A 431 -34.60 -3.07 -1.23
CA VAL A 431 -33.95 -2.73 0.02
C VAL A 431 -32.42 -2.74 -0.09
N ILE A 432 -31.80 -1.59 0.16
CA ILE A 432 -30.34 -1.52 0.11
C ILE A 432 -29.79 -1.38 1.53
N THR A 433 -30.43 -0.56 2.35
CA THR A 433 -29.98 -0.36 3.72
C THR A 433 -31.11 -0.67 4.71
N PRO A 434 -30.88 -1.65 5.59
CA PRO A 434 -31.87 -2.06 6.60
C PRO A 434 -32.17 -0.95 7.63
N GLY A 435 -33.43 -0.88 8.04
CA GLY A 435 -33.84 0.13 8.99
C GLY A 435 -33.03 0.10 10.26
N THR A 436 -32.60 -1.09 10.63
CA THR A 436 -31.79 -1.25 11.83
C THR A 436 -30.50 -0.43 11.78
N SER A 437 -30.19 0.15 10.62
CA SER A 437 -28.99 0.98 10.43
C SER A 437 -29.35 2.46 10.35
N VAL A 438 -30.64 2.73 10.21
CA VAL A 438 -31.11 4.11 10.11
C VAL A 438 -31.57 4.55 11.49
N ASP A 439 -30.93 5.59 12.00
CA ASP A 439 -31.24 6.11 13.33
C ASP A 439 -32.24 7.24 13.34
N VAL A 440 -32.02 8.24 12.49
CA VAL A 440 -32.91 9.38 12.44
C VAL A 440 -33.23 9.77 11.02
N VAL A 441 -34.50 10.03 10.77
CA VAL A 441 -34.96 10.42 9.46
C VAL A 441 -35.38 11.90 9.55
N VAL A 442 -34.95 12.70 8.57
CA VAL A 442 -35.28 14.12 8.56
C VAL A 442 -36.03 14.52 7.28
N THR A 443 -37.15 15.22 7.45
CA THR A 443 -37.97 15.69 6.34
C THR A 443 -38.29 17.17 6.53
N GLU A 444 -39.13 17.75 5.68
CA GLU A 444 -39.45 19.16 5.85
C GLU A 444 -40.57 19.35 6.87
N VAL A 445 -41.12 18.22 7.31
CA VAL A 445 -42.20 18.22 8.27
C VAL A 445 -41.69 17.89 9.66
N GLY A 446 -40.45 17.43 9.73
CA GLY A 446 -39.88 17.11 11.02
C GLY A 446 -38.94 15.93 11.01
N ILE A 447 -38.61 15.47 12.22
CA ILE A 447 -37.70 14.36 12.46
C ILE A 447 -38.43 13.09 12.92
N ALA A 448 -37.95 11.93 12.51
CA ALA A 448 -38.52 10.65 12.92
C ALA A 448 -37.38 9.80 13.49
N ILE A 449 -37.37 9.62 14.81
CA ILE A 449 -36.30 8.84 15.44
C ILE A 449 -36.66 7.37 15.53
N ASN A 450 -35.77 6.52 15.03
CA ASN A 450 -36.00 5.08 15.05
C ASN A 450 -36.14 4.62 16.49
N PRO A 451 -37.29 4.04 16.85
CA PRO A 451 -37.52 3.56 18.22
C PRO A 451 -36.46 2.56 18.66
N ASN A 452 -35.68 2.11 17.69
CA ASN A 452 -34.62 1.16 17.95
C ASN A 452 -33.49 1.89 18.66
N ARG A 453 -33.60 3.21 18.71
CA ARG A 453 -32.60 4.03 19.39
C ARG A 453 -33.24 4.80 20.55
N PRO A 454 -33.65 4.08 21.60
CA PRO A 454 -34.28 4.75 22.75
C PRO A 454 -33.36 5.78 23.40
N ASP A 455 -32.05 5.61 23.27
CA ASP A 455 -31.14 6.58 23.87
C ASP A 455 -31.22 7.92 23.14
N LEU A 456 -31.63 7.88 21.87
CA LEU A 456 -31.72 9.11 21.09
C LEU A 456 -33.06 9.81 21.32
N ILE A 457 -34.11 9.02 21.50
CA ILE A 457 -35.42 9.58 21.75
C ILE A 457 -35.39 10.44 23.01
N GLU A 458 -34.66 9.99 24.03
CA GLU A 458 -34.55 10.74 25.28
C GLU A 458 -33.68 11.97 25.11
N TYR A 459 -32.49 11.77 24.56
CA TYR A 459 -31.53 12.87 24.35
C TYR A 459 -32.12 14.03 23.55
N PHE A 460 -33.00 13.73 22.60
CA PHE A 460 -33.61 14.76 21.78
C PHE A 460 -34.98 15.15 22.29
N LYS A 461 -35.40 14.59 23.42
CA LYS A 461 -36.73 14.89 23.95
C LYS A 461 -37.07 16.37 23.87
N ASP A 462 -36.14 17.23 24.28
CA ASP A 462 -36.40 18.65 24.26
C ASP A 462 -35.92 19.36 23.01
N LEU A 463 -35.41 18.62 22.05
CA LEU A 463 -34.94 19.19 20.80
C LEU A 463 -36.09 19.99 20.17
N LYS A 464 -35.87 21.27 19.93
CA LYS A 464 -36.91 22.09 19.32
C LYS A 464 -37.05 21.87 17.82
N VAL A 465 -37.65 20.75 17.47
CA VAL A 465 -37.89 20.39 16.08
C VAL A 465 -39.03 19.41 16.09
N PRO A 466 -40.00 19.57 15.19
CA PRO A 466 -41.14 18.65 15.17
C PRO A 466 -40.71 17.21 15.02
N GLN A 467 -41.18 16.37 15.94
CA GLN A 467 -40.84 14.96 15.92
C GLN A 467 -42.08 14.09 15.68
N LEU A 468 -41.96 13.07 14.84
CA LEU A 468 -43.07 12.18 14.56
C LEU A 468 -42.57 10.74 14.45
N THR A 469 -43.49 9.84 14.11
CA THR A 469 -43.17 8.44 13.93
C THR A 469 -43.02 8.21 12.43
N ILE A 470 -42.29 7.17 12.05
CA ILE A 470 -42.12 6.91 10.63
C ILE A 470 -43.50 6.68 9.99
N GLU A 471 -44.44 6.09 10.74
CA GLU A 471 -45.77 5.86 10.19
C GLU A 471 -46.50 7.16 9.87
N GLU A 472 -46.29 8.16 10.71
CA GLU A 472 -46.93 9.45 10.48
C GLU A 472 -46.38 10.14 9.24
N LEU A 473 -45.10 9.94 8.97
CA LEU A 473 -44.48 10.52 7.78
C LEU A 473 -45.10 9.93 6.52
N LYS A 474 -45.35 8.62 6.56
CA LYS A 474 -45.93 7.92 5.44
C LYS A 474 -47.34 8.43 5.18
N GLU A 475 -48.15 8.51 6.23
CA GLU A 475 -49.51 9.00 6.11
C GLU A 475 -49.51 10.42 5.62
N LYS A 476 -48.58 11.20 6.16
CA LYS A 476 -48.40 12.61 5.80
C LYS A 476 -48.04 12.72 4.32
N ALA A 477 -47.45 11.66 3.76
CA ALA A 477 -47.03 11.60 2.36
C ALA A 477 -48.20 11.16 1.47
N TYR A 478 -48.88 10.11 1.90
CA TYR A 478 -50.04 9.59 1.18
C TYR A 478 -51.09 10.68 1.04
N ALA A 479 -51.15 11.57 2.01
CA ALA A 479 -52.13 12.65 1.96
C ALA A 479 -51.74 13.75 0.99
N ILE A 480 -50.67 13.54 0.23
CA ILE A 480 -50.23 14.55 -0.71
C ILE A 480 -50.31 14.07 -2.15
N VAL A 481 -49.81 12.87 -2.41
CA VAL A 481 -49.83 12.30 -3.75
C VAL A 481 -50.65 11.03 -3.83
N GLY A 482 -51.39 10.74 -2.77
CA GLY A 482 -52.22 9.55 -2.75
C GLY A 482 -51.43 8.26 -2.84
N ASN A 483 -52.11 7.14 -2.67
CA ASN A 483 -51.44 5.87 -2.73
C ASN A 483 -50.87 5.66 -4.13
N PRO A 484 -49.57 5.35 -4.23
CA PRO A 484 -48.93 5.14 -5.53
C PRO A 484 -49.51 3.94 -6.27
N GLN A 485 -49.65 4.07 -7.59
CA GLN A 485 -50.19 2.98 -8.42
C GLN A 485 -49.15 1.87 -8.61
N PRO A 486 -49.43 0.65 -8.12
CA PRO A 486 -48.52 -0.49 -8.23
C PRO A 486 -47.87 -0.67 -9.61
N ILE A 487 -46.66 -1.22 -9.64
CA ILE A 487 -45.96 -1.44 -10.90
C ILE A 487 -46.16 -2.89 -11.35
N GLN A 488 -45.98 -3.12 -12.64
CA GLN A 488 -46.13 -4.45 -13.23
C GLN A 488 -44.78 -5.16 -13.32
N TYR A 489 -44.49 -6.05 -12.36
CA TYR A 489 -43.21 -6.76 -12.36
C TYR A 489 -43.29 -8.12 -13.03
N GLY A 490 -42.18 -8.54 -13.63
CA GLY A 490 -42.13 -9.82 -14.30
C GLY A 490 -41.73 -10.92 -13.33
N ASP A 491 -41.20 -12.02 -13.87
CA ASP A 491 -40.80 -13.15 -13.05
C ASP A 491 -39.30 -13.38 -13.09
N LYS A 492 -38.62 -12.63 -13.93
CA LYS A 492 -37.18 -12.77 -14.06
C LYS A 492 -36.43 -11.93 -13.05
N ILE A 493 -35.46 -12.53 -12.38
CA ILE A 493 -34.66 -11.81 -11.41
C ILE A 493 -33.58 -11.06 -12.17
N VAL A 494 -33.81 -9.77 -12.37
CA VAL A 494 -32.89 -8.90 -13.09
C VAL A 494 -31.54 -8.69 -12.39
N ALA A 495 -31.55 -8.74 -11.07
CA ALA A 495 -30.33 -8.54 -10.28
C ALA A 495 -30.48 -8.95 -8.81
N LEU A 496 -29.37 -9.30 -8.18
CA LEU A 496 -29.37 -9.66 -6.79
C LEU A 496 -28.70 -8.54 -5.98
N ILE A 497 -29.24 -8.20 -4.82
CA ILE A 497 -28.59 -7.17 -4.01
C ILE A 497 -27.89 -7.88 -2.86
N GLU A 498 -26.56 -7.86 -2.88
CA GLU A 498 -25.76 -8.48 -1.84
C GLU A 498 -25.44 -7.45 -0.78
N TYR A 499 -25.77 -7.74 0.47
CA TYR A 499 -25.49 -6.86 1.59
C TYR A 499 -23.97 -6.83 1.83
N ARG A 500 -23.50 -5.77 2.47
CA ARG A 500 -22.08 -5.63 2.74
C ARG A 500 -21.41 -6.88 3.30
N ASP A 501 -22.13 -7.66 4.11
CA ASP A 501 -21.56 -8.86 4.71
C ASP A 501 -21.49 -10.06 3.77
N GLY A 502 -22.05 -9.93 2.58
CA GLY A 502 -22.00 -11.01 1.61
C GLY A 502 -23.25 -11.85 1.39
N SER A 503 -24.26 -11.61 2.21
CA SER A 503 -25.51 -12.33 2.10
C SER A 503 -26.50 -11.52 1.28
N LEU A 504 -27.63 -12.11 0.89
CA LEU A 504 -28.66 -11.41 0.11
C LEU A 504 -29.67 -10.76 1.01
N ILE A 505 -29.94 -9.48 0.75
CA ILE A 505 -30.90 -8.73 1.53
C ILE A 505 -32.18 -8.57 0.71
N ASP A 506 -32.08 -8.59 -0.61
CA ASP A 506 -33.26 -8.44 -1.45
C ASP A 506 -32.93 -8.80 -2.90
N VAL A 507 -33.88 -8.60 -3.80
CA VAL A 507 -33.66 -8.86 -5.23
C VAL A 507 -34.44 -7.87 -6.03
N VAL A 508 -34.17 -7.83 -7.33
CA VAL A 508 -34.85 -6.92 -8.21
C VAL A 508 -35.38 -7.67 -9.41
N ARG A 509 -36.66 -7.48 -9.71
CA ARG A 509 -37.28 -8.14 -10.84
C ARG A 509 -37.40 -7.21 -12.03
N ASN A 510 -37.68 -7.78 -13.20
CA ASN A 510 -37.80 -6.99 -14.41
C ASN A 510 -39.10 -6.19 -14.45
N VAL A 511 -39.10 -5.15 -15.27
CA VAL A 511 -40.26 -4.30 -15.44
C VAL A 511 -40.83 -4.64 -16.82
N LEU A 512 -42.05 -5.14 -16.82
CA LEU A 512 -42.70 -5.52 -18.07
C LEU A 512 -42.82 -4.33 -19.03
N GLU A 513 -42.51 -4.56 -20.30
CA GLU A 513 -42.57 -3.52 -21.32
C GLU A 513 -44.01 -3.07 -21.56
N GLU B 3 29.82 -28.86 -5.76
CA GLU B 3 29.87 -27.51 -5.12
C GLU B 3 28.91 -26.56 -5.82
N ASN B 4 29.34 -25.32 -5.99
CA ASN B 4 28.52 -24.31 -6.66
C ASN B 4 29.29 -23.71 -7.82
N LYS B 5 28.59 -22.95 -8.66
CA LYS B 5 29.20 -22.29 -9.83
C LYS B 5 30.60 -21.80 -9.49
N LEU B 6 30.71 -21.01 -8.43
CA LEU B 6 32.00 -20.48 -7.99
C LEU B 6 32.83 -21.61 -7.39
N GLY B 7 33.62 -21.28 -6.37
CA GLY B 7 34.45 -22.31 -5.74
C GLY B 7 34.16 -22.38 -4.26
N ARG B 8 32.89 -22.54 -3.90
CA ARG B 8 32.47 -22.63 -2.51
C ARG B 8 32.11 -24.08 -2.17
N ASP B 9 32.69 -24.62 -1.09
CA ASP B 9 32.43 -26.00 -0.68
C ASP B 9 31.13 -26.14 0.09
N ILE B 10 30.03 -25.85 -0.58
CA ILE B 10 28.74 -25.96 0.04
C ILE B 10 28.34 -27.44 0.11
N PRO B 11 28.21 -27.97 1.34
CA PRO B 11 27.85 -29.38 1.53
C PRO B 11 26.56 -29.76 0.82
N ARG B 12 26.55 -30.95 0.22
CA ARG B 12 25.40 -31.48 -0.52
C ARG B 12 24.11 -31.41 0.29
N LYS B 13 24.23 -31.51 1.61
CA LYS B 13 23.06 -31.46 2.49
C LYS B 13 22.28 -30.18 2.24
N TYR B 14 23.00 -29.06 2.11
CA TYR B 14 22.38 -27.76 1.87
C TYR B 14 22.27 -27.45 0.38
N ALA B 15 23.27 -27.89 -0.38
CA ALA B 15 23.26 -27.65 -1.82
C ALA B 15 22.05 -28.32 -2.45
N ASN B 16 21.56 -29.36 -1.79
CA ASN B 16 20.40 -30.10 -2.27
C ASN B 16 19.12 -29.52 -1.68
N GLN B 17 19.20 -29.10 -0.42
CA GLN B 17 18.07 -28.50 0.29
C GLN B 17 17.64 -27.24 -0.46
N TYR B 18 18.62 -26.36 -0.71
CA TYR B 18 18.40 -25.12 -1.44
C TYR B 18 18.95 -25.30 -2.86
N GLY B 19 18.67 -24.33 -3.74
CA GLY B 19 19.18 -24.41 -5.09
C GLY B 19 20.68 -24.27 -5.02
N VAL B 20 21.41 -25.17 -5.66
CA VAL B 20 22.87 -25.11 -5.62
C VAL B 20 23.48 -24.38 -6.80
N PHE B 21 23.58 -23.06 -6.71
CA PHE B 21 24.18 -22.25 -7.76
C PHE B 21 24.04 -20.78 -7.41
N GLU B 22 24.44 -19.91 -8.33
CA GLU B 22 24.34 -18.48 -8.07
C GLU B 22 24.87 -17.63 -9.22
N GLU B 24 26.18 -18.48 -11.64
CA GLU B 24 25.54 -17.73 -12.72
C GLU B 24 24.03 -17.59 -12.47
N LEU B 25 23.53 -16.37 -12.65
CA LEU B 25 22.11 -16.07 -12.48
C LEU B 25 21.25 -16.94 -13.42
N ALA B 26 20.04 -17.27 -12.97
CA ALA B 26 19.10 -18.10 -13.73
C ALA B 26 17.87 -17.31 -14.18
N HIS B 27 16.80 -18.02 -14.49
CA HIS B 27 15.55 -17.41 -14.93
C HIS B 27 14.50 -17.35 -13.82
N ILE B 28 13.40 -16.64 -14.10
CA ILE B 28 12.31 -16.49 -13.15
C ILE B 28 10.96 -16.70 -13.83
N LYS B 29 10.03 -17.32 -13.11
CA LYS B 29 8.69 -17.58 -13.64
C LYS B 29 7.58 -17.17 -12.67
N SER B 30 6.35 -17.15 -13.19
CA SER B 30 5.17 -16.75 -12.41
C SER B 30 5.00 -17.55 -11.12
N TYR B 31 4.51 -16.86 -10.08
CA TYR B 31 4.29 -17.48 -8.78
C TYR B 31 3.03 -16.94 -8.09
N LYS B 32 2.55 -17.67 -7.10
CA LYS B 32 1.39 -17.27 -6.33
C LYS B 32 1.86 -16.50 -5.11
N GLU B 33 1.59 -15.20 -5.11
CA GLU B 33 1.98 -14.33 -4.01
C GLU B 33 1.43 -14.88 -2.71
N SER B 34 2.14 -14.60 -1.62
CA SER B 34 1.74 -15.04 -0.30
C SER B 34 0.44 -14.33 0.13
N SER B 35 -0.43 -15.02 0.84
CA SER B 35 -1.67 -14.42 1.33
C SER B 35 -1.65 -14.61 2.85
N ARG B 36 -2.24 -13.68 3.57
CA ARG B 36 -2.27 -13.72 5.03
C ARG B 36 -3.62 -14.12 5.62
N GLN B 37 -3.58 -14.57 6.87
CA GLN B 37 -4.78 -14.97 7.61
C GLN B 37 -5.26 -13.78 8.39
N VAL B 38 -6.23 -13.08 7.82
CA VAL B 38 -6.81 -11.87 8.41
C VAL B 38 -7.86 -12.13 9.47
N LYS B 39 -7.81 -11.38 10.56
CA LYS B 39 -8.80 -11.49 11.62
C LYS B 39 -9.65 -10.21 11.57
N PRO B 40 -10.85 -10.30 11.00
CA PRO B 40 -11.75 -9.14 10.88
C PRO B 40 -11.99 -8.48 12.22
N VAL B 41 -12.09 -7.15 12.21
CA VAL B 41 -12.31 -6.43 13.44
C VAL B 41 -13.76 -5.99 13.55
N LYS B 42 -14.38 -6.26 14.69
CA LYS B 42 -15.77 -5.86 14.90
C LYS B 42 -15.75 -4.35 15.10
N PRO B 43 -16.79 -3.67 14.62
CA PRO B 43 -16.89 -2.21 14.75
C PRO B 43 -16.70 -1.67 16.17
N SER B 44 -16.89 -2.53 17.17
CA SER B 44 -16.73 -2.09 18.55
C SER B 44 -15.43 -2.60 19.15
N ASP B 45 -14.61 -3.27 18.34
CA ASP B 45 -13.35 -3.79 18.88
C ASP B 45 -12.31 -2.71 19.11
N ASP B 46 -11.58 -2.82 20.21
CA ASP B 46 -10.52 -1.87 20.53
C ASP B 46 -9.19 -2.51 20.13
N LYS B 47 -8.42 -1.84 19.28
CA LYS B 47 -7.15 -2.40 18.85
C LYS B 47 -5.97 -1.98 19.72
N LEU B 48 -6.19 -1.03 20.61
CA LEU B 48 -5.13 -0.56 21.52
C LEU B 48 -5.02 -1.49 22.74
N LEU B 49 -3.80 -1.83 23.11
CA LEU B 49 -3.53 -2.72 24.25
C LEU B 49 -2.72 -2.00 25.32
N SER B 50 -2.61 -2.60 26.50
CA SER B 50 -1.88 -1.95 27.59
C SER B 50 -0.38 -2.18 27.61
N SER B 51 0.05 -3.38 27.23
CA SER B 51 1.47 -3.69 27.28
C SER B 51 1.92 -4.68 26.22
N ILE B 52 3.22 -4.90 26.11
CA ILE B 52 3.73 -5.86 25.15
C ILE B 52 3.21 -7.24 25.55
N HIS B 53 3.07 -7.47 26.85
CA HIS B 53 2.58 -8.74 27.37
C HIS B 53 1.21 -9.11 26.77
N GLU B 54 0.23 -8.24 26.94
CA GLU B 54 -1.12 -8.48 26.41
C GLU B 54 -1.08 -8.63 24.90
N ALA B 55 -0.13 -7.98 24.25
CA ALA B 55 -0.01 -8.07 22.81
C ALA B 55 0.33 -9.51 22.46
N ILE B 56 1.35 -10.05 23.13
CA ILE B 56 1.80 -11.43 22.88
C ILE B 56 0.66 -12.39 23.18
N GLU B 57 -0.08 -12.06 24.22
CA GLU B 57 -1.21 -12.86 24.65
C GLU B 57 -2.33 -12.84 23.62
N LYS B 58 -2.94 -11.67 23.42
CA LYS B 58 -4.05 -11.58 22.48
C LYS B 58 -3.67 -11.93 21.06
N THR B 59 -2.38 -12.14 20.82
CA THR B 59 -1.93 -12.46 19.48
C THR B 59 -1.87 -13.98 19.29
N ARG B 60 -1.99 -14.70 20.40
CA ARG B 60 -2.00 -16.15 20.36
C ARG B 60 -0.68 -16.82 19.98
N LEU B 61 0.40 -16.09 20.16
CA LEU B 61 1.74 -16.58 19.85
C LEU B 61 2.05 -17.90 20.55
N LYS B 62 2.47 -18.92 19.81
CA LYS B 62 2.79 -20.19 20.42
C LYS B 62 4.21 -20.60 20.03
N ASP B 63 4.64 -21.75 20.54
CA ASP B 63 5.96 -22.24 20.22
C ASP B 63 6.03 -22.61 18.77
N GLY B 64 7.22 -22.43 18.18
CA GLY B 64 7.43 -22.77 16.79
C GLY B 64 7.01 -21.72 15.77
N THR B 66 6.74 -17.93 13.80
CA THR B 66 7.74 -16.99 13.32
C THR B 66 7.30 -15.55 13.54
N ILE B 67 8.21 -14.75 14.08
CA ILE B 67 7.91 -13.34 14.33
C ILE B 67 8.97 -12.48 13.64
N SER B 68 8.64 -11.23 13.37
CA SER B 68 9.56 -10.32 12.70
C SER B 68 9.68 -8.96 13.37
N PHE B 69 10.70 -8.22 12.97
CA PHE B 69 10.98 -6.87 13.49
C PHE B 69 11.75 -6.14 12.42
N HIS B 70 11.86 -4.82 12.51
CA HIS B 70 12.62 -4.07 11.54
C HIS B 70 13.80 -3.38 12.24
N HIS B 71 14.78 -2.89 11.48
CA HIS B 71 15.94 -2.26 12.08
C HIS B 71 16.13 -0.78 11.75
N HIS B 72 15.03 -0.07 11.50
CA HIS B 72 15.14 1.35 11.18
C HIS B 72 15.70 2.21 12.32
N PHE B 73 15.63 1.72 13.56
CA PHE B 73 16.13 2.46 14.71
C PHE B 73 17.58 2.11 14.95
N ARG B 74 18.07 1.14 14.19
CA ARG B 74 19.44 0.67 14.31
C ARG B 74 19.88 0.41 15.75
N GLU B 75 21.05 0.94 16.13
CA GLU B 75 21.58 0.72 17.47
C GLU B 75 20.76 1.36 18.58
N GLY B 76 19.73 2.09 18.18
CA GLY B 76 18.87 2.72 19.16
C GLY B 76 17.61 1.92 19.39
N ASP B 77 17.46 0.77 18.73
CA ASP B 77 16.25 -0.04 18.88
C ASP B 77 15.97 -0.58 20.28
N TYR B 78 14.69 -0.56 20.65
CA TYR B 78 14.27 -1.07 21.94
C TYR B 78 13.21 -2.15 21.77
N VAL B 79 12.47 -2.09 20.67
CA VAL B 79 11.40 -3.05 20.38
C VAL B 79 11.85 -4.51 20.38
N ASN B 81 14.54 -6.27 21.74
CA ASN B 81 14.84 -6.76 23.09
C ASN B 81 13.61 -6.74 23.99
N VAL B 83 10.15 -7.10 23.09
CA VAL B 83 9.26 -8.21 22.79
C VAL B 83 9.86 -9.54 23.19
N LEU B 84 11.01 -9.87 22.63
CA LEU B 84 11.70 -11.12 22.89
C LEU B 84 11.80 -11.42 24.37
N ASP B 85 12.23 -10.45 25.16
CA ASP B 85 12.38 -10.66 26.59
C ASP B 85 11.06 -11.06 27.23
N GLU B 86 9.96 -10.44 26.81
CA GLU B 86 8.66 -10.77 27.36
C GLU B 86 8.27 -12.17 26.89
N ILE B 87 8.70 -12.54 25.68
CA ILE B 87 8.39 -13.88 25.18
C ILE B 87 9.12 -14.88 26.07
N ALA B 88 10.37 -14.60 26.40
CA ALA B 88 11.13 -15.52 27.24
C ALA B 88 10.48 -15.64 28.61
N LYS B 89 10.19 -14.50 29.24
CA LYS B 89 9.55 -14.45 30.55
C LYS B 89 8.26 -15.28 30.57
N GLY B 91 7.72 -17.96 29.16
CA GLY B 91 7.99 -19.36 28.89
C GLY B 91 7.78 -19.83 27.47
N ILE B 92 7.70 -18.93 26.50
CA ILE B 92 7.52 -19.35 25.13
C ILE B 92 8.91 -19.64 24.53
N LYS B 93 9.01 -20.73 23.78
CA LYS B 93 10.28 -21.11 23.17
C LYS B 93 10.15 -21.62 21.74
N ASP B 94 11.30 -21.93 21.14
CA ASP B 94 11.37 -22.45 19.79
C ASP B 94 10.76 -21.46 18.80
N ILE B 95 11.00 -20.18 19.07
CA ILE B 95 10.51 -19.11 18.21
C ILE B 95 11.45 -18.85 17.05
N SER B 96 10.88 -18.60 15.89
CA SER B 96 11.68 -18.33 14.71
C SER B 96 11.72 -16.81 14.50
N ILE B 97 12.91 -16.25 14.54
CA ILE B 97 13.09 -14.82 14.41
C ILE B 97 13.36 -14.39 12.94
N ALA B 98 12.68 -13.34 12.49
CA ALA B 98 12.87 -12.86 11.13
C ALA B 98 13.01 -11.34 11.05
N PRO B 99 14.01 -10.77 11.75
CA PRO B 99 14.24 -9.32 11.74
C PRO B 99 14.87 -8.88 10.43
N SER B 100 14.52 -7.68 9.97
CA SER B 100 15.10 -7.18 8.72
C SER B 100 16.64 -7.13 8.87
N SER B 101 17.13 -6.92 10.08
CA SER B 101 18.57 -6.94 10.33
C SER B 101 18.82 -6.87 11.83
N ILE B 102 20.02 -7.27 12.26
CA ILE B 102 20.35 -7.30 13.70
C ILE B 102 21.53 -6.37 14.06
N ALA B 103 21.35 -5.53 15.07
CA ALA B 103 22.41 -4.61 15.48
C ALA B 103 23.11 -5.10 16.77
N ASN B 104 24.08 -4.35 17.26
CA ASN B 104 24.80 -4.75 18.47
C ASN B 104 23.97 -4.58 19.74
N VAL B 105 23.09 -3.61 19.76
CA VAL B 105 22.26 -3.39 20.93
C VAL B 105 21.38 -4.61 21.16
N HIS B 106 21.29 -5.45 20.15
CA HIS B 106 20.49 -6.67 20.23
C HIS B 106 21.24 -7.82 20.93
N GLU B 107 22.24 -7.48 21.74
CA GLU B 107 23.02 -8.50 22.45
C GLU B 107 22.16 -9.49 23.27
N PRO B 108 21.10 -8.98 23.95
CA PRO B 108 20.24 -9.85 24.75
C PRO B 108 19.82 -11.12 24.01
N LEU B 109 19.84 -11.04 22.69
CA LEU B 109 19.44 -12.16 21.86
C LEU B 109 20.29 -13.40 22.19
N ILE B 110 21.58 -13.18 22.42
CA ILE B 110 22.44 -14.31 22.70
C ILE B 110 21.88 -15.26 23.76
N ASP B 111 21.53 -14.73 24.92
CA ASP B 111 20.96 -15.58 25.97
C ASP B 111 19.69 -16.28 25.52
N HIS B 112 18.83 -15.59 24.75
CA HIS B 112 17.58 -16.20 24.30
C HIS B 112 17.85 -17.39 23.41
N ILE B 113 19.02 -17.39 22.77
CA ILE B 113 19.42 -18.47 21.89
C ILE B 113 19.89 -19.64 22.75
N LYS B 114 20.78 -19.36 23.69
CA LYS B 114 21.29 -20.38 24.58
C LYS B 114 20.20 -21.11 25.36
N ASN B 115 19.14 -20.39 25.73
CA ASN B 115 18.03 -20.96 26.48
C ASN B 115 16.89 -21.52 25.61
N GLY B 116 17.15 -21.64 24.31
CA GLY B 116 16.16 -22.17 23.38
C GLY B 116 14.98 -21.29 23.06
N VAL B 117 14.98 -20.02 23.47
CA VAL B 117 13.86 -19.14 23.18
C VAL B 117 13.77 -18.87 21.69
N VAL B 118 14.94 -18.67 21.07
CA VAL B 118 15.05 -18.44 19.64
C VAL B 118 15.83 -19.61 19.06
N THR B 119 15.26 -20.26 18.06
CA THR B 119 15.88 -21.43 17.45
C THR B 119 16.28 -21.27 15.98
N ASN B 120 15.78 -20.21 15.35
CA ASN B 120 16.07 -19.90 13.96
C ASN B 120 16.09 -18.39 13.76
N ILE B 121 17.05 -17.93 12.97
CA ILE B 121 17.23 -16.52 12.69
C ILE B 121 17.45 -16.26 11.20
N THR B 122 16.86 -15.20 10.68
CA THR B 122 17.07 -14.80 9.29
C THR B 122 17.12 -13.26 9.22
N SER B 123 18.10 -12.72 8.51
CA SER B 123 18.22 -11.28 8.35
C SER B 123 19.36 -10.88 7.42
N SER B 124 19.60 -9.57 7.38
CA SER B 124 20.65 -9.01 6.55
C SER B 124 22.00 -9.20 7.25
N GLY B 125 22.05 -8.83 8.53
CA GLY B 125 23.30 -8.97 9.25
C GLY B 125 23.12 -9.31 10.71
N LEU B 126 24.24 -9.51 11.39
CA LEU B 126 24.19 -9.83 12.81
C LEU B 126 25.08 -8.87 13.59
N ARG B 127 26.00 -8.22 12.86
CA ARG B 127 26.96 -7.28 13.44
C ARG B 127 27.93 -7.97 14.41
N ASP B 128 28.72 -7.16 15.11
CA ASP B 128 29.73 -7.61 16.05
C ASP B 128 29.33 -8.67 17.09
N LYS B 129 28.59 -8.24 18.10
CA LYS B 129 28.17 -9.11 19.20
C LYS B 129 27.36 -10.34 18.81
N VAL B 130 26.16 -10.16 18.25
CA VAL B 130 25.35 -11.32 17.88
C VAL B 130 26.10 -12.20 16.90
N GLY B 131 26.75 -11.58 15.92
CA GLY B 131 27.50 -12.31 14.92
C GLY B 131 28.62 -13.15 15.53
N ALA B 132 29.30 -12.58 16.53
CA ALA B 132 30.40 -13.26 17.22
C ALA B 132 29.84 -14.54 17.83
N ALA B 133 28.78 -14.40 18.60
CA ALA B 133 28.15 -15.56 19.23
C ALA B 133 27.84 -16.61 18.16
N ILE B 134 27.04 -16.26 17.17
CA ILE B 134 26.66 -17.20 16.12
C ILE B 134 27.85 -17.88 15.49
N SER B 135 28.96 -17.16 15.39
CA SER B 135 30.15 -17.70 14.78
C SER B 135 30.84 -18.75 15.64
N GLU B 136 30.55 -18.78 16.94
CA GLU B 136 31.17 -19.76 17.82
C GLU B 136 30.29 -21.00 18.02
N GLY B 137 29.20 -21.08 17.27
CA GLY B 137 28.32 -22.24 17.37
C GLY B 137 27.17 -22.19 18.36
N ILE B 138 26.84 -21.00 18.86
CA ILE B 138 25.73 -20.84 19.81
C ILE B 138 24.45 -21.54 19.38
N GLU B 140 21.99 -24.09 17.15
CA GLU B 140 22.09 -25.42 16.59
C GLU B 140 21.81 -25.30 15.09
N ASN B 141 20.77 -24.56 14.74
CA ASN B 141 20.42 -24.36 13.33
C ASN B 141 21.24 -23.21 12.75
N PRO B 142 21.44 -23.22 11.42
CA PRO B 142 22.21 -22.16 10.73
C PRO B 142 21.39 -20.88 10.54
N VAL B 143 22.03 -19.74 10.74
CA VAL B 143 21.33 -18.47 10.54
C VAL B 143 21.17 -18.34 9.03
N ILE B 144 19.98 -17.98 8.57
CA ILE B 144 19.74 -17.81 7.14
C ILE B 144 19.94 -16.33 6.78
N ILE B 145 20.98 -16.02 6.02
CA ILE B 145 21.16 -14.65 5.65
C ILE B 145 20.60 -14.38 4.24
N ARG B 146 19.81 -13.32 4.14
CA ARG B 146 19.23 -12.94 2.87
C ARG B 146 19.46 -11.45 2.64
N SER B 147 19.53 -11.05 1.38
CA SER B 147 19.72 -9.63 1.04
C SER B 147 18.38 -8.92 1.27
N HIS B 148 18.36 -7.59 1.32
CA HIS B 148 17.09 -6.91 1.54
C HIS B 148 16.08 -7.37 0.50
N GLY B 149 16.54 -7.57 -0.73
CA GLY B 149 15.64 -8.04 -1.76
C GLY B 149 15.24 -9.48 -1.53
N GLY B 150 16.21 -10.30 -1.10
CA GLY B 150 15.92 -11.70 -0.85
C GLY B 150 14.85 -11.89 0.19
N ARG B 151 14.92 -11.06 1.24
CA ARG B 151 13.95 -11.14 2.33
C ARG B 151 12.56 -10.79 1.78
N ALA B 152 12.52 -9.74 0.98
CA ALA B 152 11.27 -9.33 0.39
C ALA B 152 10.80 -10.45 -0.54
N ARG B 153 11.72 -11.01 -1.32
CA ARG B 153 11.35 -12.10 -2.22
C ARG B 153 10.76 -13.27 -1.44
N ALA B 154 11.48 -13.74 -0.42
CA ALA B 154 11.01 -14.87 0.38
C ALA B 154 9.63 -14.65 0.98
N ILE B 155 9.42 -13.50 1.60
CA ILE B 155 8.15 -13.23 2.21
C ILE B 155 7.02 -13.24 1.18
N ALA B 156 7.28 -12.68 0.02
CA ALA B 156 6.24 -12.63 -1.01
C ALA B 156 6.00 -13.98 -1.67
N THR B 157 7.05 -14.78 -1.81
CA THR B 157 6.96 -16.09 -2.42
C THR B 157 6.33 -17.08 -1.46
N ASP B 158 6.24 -16.67 -0.21
CA ASP B 158 5.68 -17.47 0.88
C ASP B 158 6.58 -18.65 1.27
N ASP B 159 7.83 -18.65 0.82
CA ASP B 159 8.66 -19.76 1.25
C ASP B 159 9.12 -19.44 2.67
N ILE B 160 8.43 -18.47 3.28
CA ILE B 160 8.66 -18.02 4.64
C ILE B 160 7.35 -17.29 4.99
N HIS B 161 6.87 -17.42 6.22
CA HIS B 161 5.61 -16.79 6.59
C HIS B 161 5.62 -16.23 8.02
N ILE B 162 5.35 -14.94 8.15
CA ILE B 162 5.37 -14.32 9.46
C ILE B 162 4.06 -14.48 10.21
N ASP B 163 4.15 -15.03 11.41
CA ASP B 163 2.96 -15.20 12.23
C ASP B 163 2.59 -13.89 12.89
N VAL B 164 3.55 -13.28 13.55
CA VAL B 164 3.32 -12.01 14.21
C VAL B 164 4.47 -11.08 13.96
N ALA B 165 4.14 -9.86 13.54
CA ALA B 165 5.18 -8.88 13.29
C ALA B 165 5.06 -7.78 14.33
N PHE B 166 6.13 -7.60 15.09
CA PHE B 166 6.17 -6.55 16.10
C PHE B 166 6.95 -5.39 15.48
N LEU B 167 6.26 -4.35 15.03
CA LEU B 167 6.91 -3.22 14.38
C LEU B 167 6.91 -1.95 15.22
N GLY B 168 8.07 -1.28 15.30
CA GLY B 168 8.15 -0.05 16.04
C GLY B 168 7.77 1.12 15.14
N ALA B 169 6.96 2.04 15.64
CA ALA B 169 6.57 3.20 14.86
C ALA B 169 6.64 4.44 15.75
N PRO B 170 7.40 5.44 15.33
CA PRO B 170 7.51 6.66 16.14
C PRO B 170 6.17 7.38 16.35
N SER B 171 5.14 7.00 15.60
CA SER B 171 3.82 7.61 15.77
C SER B 171 2.74 6.67 15.22
N SER B 172 1.55 6.71 15.83
CA SER B 172 0.45 5.87 15.41
C SER B 172 -0.84 6.24 16.14
N ASP B 173 -1.99 6.06 15.50
CA ASP B 173 -3.24 6.35 16.19
C ASP B 173 -3.66 5.06 16.87
N ALA B 174 -4.82 5.06 17.53
CA ALA B 174 -5.26 3.87 18.23
C ALA B 174 -5.95 2.92 17.30
N TYR B 175 -5.66 3.03 16.02
CA TYR B 175 -6.27 2.12 15.07
C TYR B 175 -5.24 1.51 14.14
N GLY B 176 -3.99 1.97 14.22
CA GLY B 176 -2.94 1.43 13.39
C GLY B 176 -2.23 2.29 12.35
N ASN B 177 -2.79 3.42 11.96
CA ASN B 177 -2.12 4.26 10.97
C ASN B 177 -0.82 4.76 11.60
N ALA B 178 0.32 4.40 11.02
CA ALA B 178 1.60 4.78 11.59
C ALA B 178 2.58 5.36 10.57
N ASN B 179 3.57 6.11 11.04
CA ASN B 179 4.56 6.64 10.12
C ASN B 179 5.88 6.79 10.88
N GLY B 180 6.96 7.05 10.16
CA GLY B 180 8.24 7.17 10.84
C GLY B 180 8.80 8.57 10.82
N THR B 181 7.95 9.54 10.50
CA THR B 181 8.40 10.92 10.43
C THR B 181 7.74 11.84 11.44
N ARG B 182 7.03 11.28 12.40
CA ARG B 182 6.37 12.07 13.42
C ARG B 182 6.54 11.33 14.75
N GLY B 183 6.83 12.06 15.82
CA GLY B 183 7.02 11.43 17.11
C GLY B 183 8.28 11.88 17.80
N LYS B 184 8.50 11.46 19.05
CA LYS B 184 9.71 11.89 19.76
C LYS B 184 10.87 10.98 19.42
N THR B 185 10.60 9.91 18.69
CA THR B 185 11.67 9.00 18.34
C THR B 185 11.47 8.55 16.91
N THR B 186 11.67 9.48 15.97
CA THR B 186 11.50 9.20 14.54
C THR B 186 12.69 8.47 13.92
N CYS B 187 12.48 7.92 12.73
CA CYS B 187 13.56 7.23 12.02
C CYS B 187 13.41 7.44 10.52
N GLY B 188 12.38 8.21 10.15
CA GLY B 188 12.14 8.49 8.76
C GLY B 188 11.38 7.39 8.05
N SER B 189 11.96 6.89 6.97
CA SER B 189 11.35 5.82 6.19
C SER B 189 11.11 4.57 7.02
N LEU B 190 10.18 3.74 6.55
CA LEU B 190 9.84 2.46 7.20
C LEU B 190 9.73 1.37 6.13
N GLY B 191 10.57 1.48 5.11
CA GLY B 191 10.56 0.54 4.00
C GLY B 191 10.74 -0.93 4.33
N TYR B 192 11.49 -1.25 5.37
CA TYR B 192 11.64 -2.66 5.69
C TYR B 192 10.41 -3.13 6.46
N ALA B 193 9.88 -2.29 7.36
CA ALA B 193 8.70 -2.69 8.12
C ALA B 193 7.43 -2.76 7.29
N ILE B 195 6.83 -3.99 4.46
CA ILE B 195 6.57 -5.25 3.81
C ILE B 195 6.06 -6.23 4.85
N ASP B 196 6.57 -6.15 6.05
CA ASP B 196 6.13 -7.06 7.12
C ASP B 196 4.65 -6.90 7.36
N ALA B 197 4.21 -5.67 7.56
CA ALA B 197 2.81 -5.41 7.85
C ALA B 197 1.89 -5.76 6.70
N LYS B 198 2.46 -5.97 5.54
CA LYS B 198 1.69 -6.28 4.36
C LYS B 198 1.50 -7.79 4.17
N TYR B 199 2.47 -8.58 4.61
CA TYR B 199 2.35 -10.02 4.44
C TYR B 199 2.19 -10.83 5.71
N ALA B 200 2.45 -10.22 6.86
CA ALA B 200 2.33 -10.92 8.13
C ALA B 200 0.88 -11.21 8.46
N ASP B 201 0.65 -12.29 9.20
CA ASP B 201 -0.72 -12.63 9.58
C ASP B 201 -1.23 -11.64 10.59
N GLN B 202 -0.49 -11.47 11.67
CA GLN B 202 -0.86 -10.51 12.69
C GLN B 202 0.24 -9.49 12.85
N VAL B 203 -0.16 -8.22 12.93
CA VAL B 203 0.77 -7.10 13.08
C VAL B 203 0.49 -6.33 14.36
N VAL B 204 1.54 -6.14 15.15
CA VAL B 204 1.45 -5.40 16.41
C VAL B 204 2.42 -4.23 16.27
N ILE B 205 1.92 -3.01 16.18
CA ILE B 205 2.85 -1.90 16.11
C ILE B 205 3.03 -1.33 17.54
N VAL B 206 4.29 -1.08 17.91
CA VAL B 206 4.62 -0.54 19.23
C VAL B 206 5.04 0.91 19.07
N THR B 207 4.20 1.83 19.50
CA THR B 207 4.52 3.22 19.35
C THR B 207 5.03 3.90 20.61
N ASP B 208 5.71 5.00 20.37
CA ASP B 208 6.30 5.77 21.43
C ASP B 208 5.43 6.98 21.71
N THR B 209 4.65 7.37 20.72
CA THR B 209 3.78 8.51 20.86
C THR B 209 2.44 8.23 20.17
N LEU B 210 1.36 8.34 20.93
CA LEU B 210 0.02 8.10 20.41
C LEU B 210 -0.60 9.37 19.87
N VAL B 211 -1.04 9.31 18.61
CA VAL B 211 -1.63 10.47 17.97
C VAL B 211 -3.14 10.29 17.75
N PRO B 212 -3.91 11.38 17.83
CA PRO B 212 -5.36 11.26 17.62
C PRO B 212 -5.64 10.83 16.20
N TYR B 213 -6.71 10.07 16.02
CA TYR B 213 -7.13 9.57 14.72
C TYR B 213 -7.70 10.67 13.84
N PRO B 214 -7.37 10.66 12.55
CA PRO B 214 -6.51 9.71 11.86
C PRO B 214 -5.09 10.27 11.77
N ASN B 215 -4.10 9.41 11.93
CA ASN B 215 -2.71 9.84 11.84
C ASN B 215 -2.28 9.92 10.39
N THR B 216 -1.46 10.92 10.05
CA THR B 216 -0.96 11.11 8.70
C THR B 216 0.37 11.85 8.76
N PRO B 217 1.27 11.58 7.80
CA PRO B 217 1.18 10.65 6.67
C PRO B 217 0.98 9.23 7.17
N ILE B 218 0.72 8.31 6.25
CA ILE B 218 0.48 6.92 6.62
C ILE B 218 1.42 5.95 5.92
N SER B 219 2.40 5.40 6.65
CA SER B 219 3.33 4.46 6.04
C SER B 219 2.80 3.04 6.18
N ILE B 220 2.07 2.82 7.26
CA ILE B 220 1.44 1.54 7.53
C ILE B 220 0.00 1.86 7.88
N PRO B 221 -0.96 1.40 7.05
CA PRO B 221 -2.39 1.63 7.22
C PRO B 221 -3.02 0.80 8.33
N GLN B 222 -4.14 1.29 8.84
CA GLN B 222 -4.87 0.59 9.91
C GLN B 222 -5.30 -0.80 9.41
N THR B 223 -5.46 -0.95 8.10
CA THR B 223 -5.89 -2.22 7.53
C THR B 223 -4.83 -3.31 7.59
N ASP B 224 -3.62 -2.96 8.00
CA ASP B 224 -2.57 -3.96 8.10
C ASP B 224 -2.21 -4.21 9.57
N VAL B 225 -2.81 -3.45 10.47
CA VAL B 225 -2.46 -3.57 11.88
C VAL B 225 -3.52 -4.26 12.74
N ASP B 226 -3.10 -5.08 13.69
CA ASP B 226 -4.08 -5.76 14.53
C ASP B 226 -4.14 -5.14 15.93
N TYR B 227 -2.99 -4.81 16.49
CA TYR B 227 -2.94 -4.25 17.81
C TYR B 227 -1.92 -3.12 17.92
N ILE B 228 -2.18 -2.20 18.83
CA ILE B 228 -1.28 -1.09 19.06
C ILE B 228 -0.97 -1.04 20.53
N VAL B 229 0.31 -0.95 20.87
CA VAL B 229 0.72 -0.86 22.25
C VAL B 229 1.61 0.35 22.44
N VAL B 230 1.32 1.13 23.47
CA VAL B 230 2.10 2.33 23.75
C VAL B 230 3.11 2.07 24.86
N VAL B 231 4.34 2.53 24.66
CA VAL B 231 5.38 2.36 25.68
C VAL B 231 6.11 3.68 25.91
N ASP B 232 6.88 3.76 26.98
CA ASP B 232 7.61 4.99 27.30
C ASP B 232 8.63 5.37 26.23
N ALA B 233 9.29 4.39 25.63
CA ALA B 233 10.29 4.64 24.58
C ALA B 233 10.55 3.42 23.72
N ILE B 234 10.51 3.60 22.41
CA ILE B 234 10.76 2.49 21.51
C ILE B 234 12.20 2.52 21.03
N GLY B 235 12.82 3.68 21.15
CA GLY B 235 14.20 3.81 20.72
C GLY B 235 14.96 4.82 21.56
N ASP B 236 16.28 4.73 21.51
CA ASP B 236 17.14 5.64 22.27
C ASP B 236 16.99 7.07 21.76
N PRO B 237 16.71 8.02 22.67
CA PRO B 237 16.54 9.44 22.35
C PRO B 237 17.48 9.99 21.27
N GLU B 238 18.71 10.31 21.68
CA GLU B 238 19.68 10.86 20.74
C GLU B 238 20.15 9.83 19.72
N GLY B 239 19.69 8.59 19.88
CA GLY B 239 20.08 7.54 18.96
C GLY B 239 19.60 7.76 17.54
N ILE B 240 18.91 8.87 17.31
CA ILE B 240 18.39 9.21 16.00
C ILE B 240 18.06 10.71 15.93
N ALA B 241 18.17 11.39 17.07
CA ALA B 241 17.88 12.82 17.14
C ALA B 241 19.15 13.66 16.96
N LYS B 242 20.27 13.00 16.68
CA LYS B 242 21.55 13.66 16.48
C LYS B 242 21.57 14.49 15.19
N GLY B 243 22.71 14.52 14.51
CA GLY B 243 22.83 15.29 13.28
C GLY B 243 23.30 14.49 12.09
N ALA B 244 23.78 15.17 11.06
CA ALA B 244 24.26 14.51 9.85
C ALA B 244 25.73 14.14 9.94
N THR B 245 26.15 13.15 9.17
CA THR B 245 27.55 12.74 9.20
C THR B 245 28.27 13.31 7.98
N ARG B 246 29.18 14.26 8.23
CA ARG B 246 29.93 14.91 7.17
C ARG B 246 30.87 13.92 6.49
N TYR B 247 31.42 14.34 5.35
CA TYR B 247 32.32 13.51 4.57
C TYR B 247 33.60 13.19 5.34
N THR B 248 34.42 12.33 4.75
CA THR B 248 35.67 11.93 5.37
C THR B 248 36.77 12.98 5.18
N LYS B 249 37.86 12.80 5.91
CA LYS B 249 39.01 13.70 5.86
C LYS B 249 40.24 12.90 5.45
N ASN B 250 40.13 11.58 5.57
CA ASN B 250 41.22 10.68 5.22
C ASN B 250 41.60 10.83 3.75
N PRO B 251 42.80 11.38 3.49
CA PRO B 251 43.28 11.58 2.12
C PRO B 251 43.20 10.33 1.23
N LYS B 252 43.57 9.18 1.78
CA LYS B 252 43.52 7.96 1.00
C LYS B 252 42.08 7.70 0.54
N GLU B 253 41.12 7.81 1.46
CA GLU B 253 39.73 7.60 1.09
C GLU B 253 39.26 8.63 0.07
N LEU B 254 39.59 9.90 0.31
CA LEU B 254 39.20 10.96 -0.63
C LEU B 254 39.72 10.70 -2.05
N LEU B 255 40.90 10.11 -2.15
CA LEU B 255 41.47 9.80 -3.47
C LEU B 255 40.63 8.71 -4.09
N ILE B 256 40.28 7.71 -3.29
CA ILE B 256 39.47 6.61 -3.79
C ILE B 256 38.13 7.17 -4.25
N ALA B 257 37.55 8.04 -3.44
CA ALA B 257 36.27 8.64 -3.79
C ALA B 257 36.40 9.38 -5.12
N GLU B 258 37.44 10.21 -5.23
CA GLU B 258 37.65 10.98 -6.46
C GLU B 258 37.81 10.08 -7.69
N TYR B 259 38.60 9.03 -7.58
CA TYR B 259 38.76 8.13 -8.69
C TYR B 259 37.40 7.53 -9.05
N ALA B 260 36.61 7.19 -8.03
CA ALA B 260 35.29 6.61 -8.26
C ALA B 260 34.41 7.58 -9.06
N ALA B 261 34.40 8.85 -8.64
CA ALA B 261 33.59 9.82 -9.35
C ALA B 261 34.01 10.00 -10.81
N LYS B 262 35.31 9.92 -11.08
CA LYS B 262 35.80 10.08 -12.45
C LYS B 262 35.32 8.91 -13.29
N VAL B 263 35.21 7.75 -12.67
CA VAL B 263 34.72 6.60 -13.41
C VAL B 263 33.25 6.84 -13.79
N ILE B 264 32.45 7.33 -12.84
CA ILE B 264 31.04 7.59 -13.06
C ILE B 264 30.84 8.71 -14.09
N THR B 265 31.48 9.85 -13.86
CA THR B 265 31.35 10.97 -14.76
C THR B 265 31.97 10.75 -16.14
N SER B 266 32.68 9.65 -16.34
CA SER B 266 33.27 9.38 -17.64
C SER B 266 32.60 8.15 -18.22
N SER B 267 31.62 7.62 -17.50
CA SER B 267 30.94 6.43 -17.99
C SER B 267 29.89 6.80 -19.05
N PRO B 268 29.46 5.82 -19.85
CA PRO B 268 28.45 6.09 -20.88
C PRO B 268 27.06 6.23 -20.28
N TYR B 269 27.00 6.46 -18.97
CA TYR B 269 25.72 6.58 -18.30
C TYR B 269 25.59 7.98 -17.72
N TYR B 270 26.70 8.68 -17.69
CA TYR B 270 26.72 10.05 -17.18
C TYR B 270 26.19 11.02 -18.21
N LYS B 271 24.95 11.44 -18.01
CA LYS B 271 24.28 12.39 -18.90
C LYS B 271 23.02 12.91 -18.18
N GLU B 272 22.35 13.88 -18.77
CA GLU B 272 21.15 14.43 -18.15
C GLU B 272 20.17 13.31 -17.76
N GLY B 273 19.59 13.41 -16.55
CA GLY B 273 18.62 12.44 -16.07
C GLY B 273 19.10 11.03 -15.70
N PHE B 274 20.33 10.91 -15.21
CA PHE B 274 20.90 9.62 -14.84
C PHE B 274 20.64 9.37 -13.34
N SER B 275 20.52 8.10 -12.97
CA SER B 275 20.26 7.74 -11.58
C SER B 275 21.51 7.16 -10.92
N PHE B 276 21.53 7.16 -9.59
CA PHE B 276 22.68 6.64 -8.86
C PHE B 276 22.41 6.44 -7.37
N GLN B 277 23.27 5.64 -6.76
CA GLN B 277 23.19 5.36 -5.35
C GLN B 277 24.63 5.34 -4.83
N THR B 278 24.87 6.09 -3.77
CA THR B 278 26.20 6.15 -3.16
C THR B 278 26.15 5.59 -1.76
N GLY B 279 27.32 5.42 -1.15
CA GLY B 279 27.40 4.87 0.19
C GLY B 279 26.85 5.73 1.30
N THR B 280 26.94 5.19 2.51
CA THR B 280 26.45 5.88 3.68
C THR B 280 27.59 6.29 4.58
N GLY B 281 28.81 6.25 4.07
CA GLY B 281 29.96 6.64 4.85
C GLY B 281 31.25 6.30 4.12
N GLY B 282 32.39 6.70 4.67
CA GLY B 282 33.65 6.40 4.03
C GLY B 282 33.78 7.01 2.64
N ALA B 283 34.59 6.38 1.80
CA ALA B 283 34.83 6.86 0.45
C ALA B 283 33.58 6.72 -0.41
N SER B 284 32.86 5.63 -0.23
CA SER B 284 31.63 5.39 -1.00
C SER B 284 30.66 6.57 -0.86
N LEU B 285 30.71 7.26 0.27
CA LEU B 285 29.82 8.39 0.47
C LEU B 285 30.44 9.64 -0.13
N ALA B 286 31.71 9.88 0.19
CA ALA B 286 32.43 11.06 -0.27
C ALA B 286 32.38 11.24 -1.78
N VAL B 287 32.28 10.13 -2.51
CA VAL B 287 32.23 10.18 -3.96
C VAL B 287 31.21 11.23 -4.43
N THR B 288 30.15 11.46 -3.66
CA THR B 288 29.14 12.43 -4.06
C THR B 288 29.69 13.85 -4.13
N ARG B 289 30.67 14.17 -3.29
CA ARG B 289 31.25 15.50 -3.29
C ARG B 289 31.87 15.83 -4.65
N PHE B 290 32.75 14.96 -5.11
CA PHE B 290 33.41 15.17 -6.38
C PHE B 290 32.42 15.07 -7.52
N ARG B 292 29.22 15.88 -7.47
CA ARG B 292 28.46 17.13 -7.49
C ARG B 292 29.21 18.21 -8.28
N GLU B 293 30.48 18.37 -7.94
CA GLU B 293 31.35 19.35 -8.59
C GLU B 293 31.32 19.16 -10.11
N GLN B 294 31.48 17.92 -10.56
CA GLN B 294 31.45 17.64 -11.99
C GLN B 294 30.08 17.88 -12.57
N ILE B 296 28.08 20.11 -11.58
CA ILE B 296 27.91 21.55 -11.62
C ILE B 296 28.67 22.12 -12.82
N LYS B 297 29.92 21.68 -13.01
CA LYS B 297 30.73 22.15 -14.15
C LYS B 297 29.88 22.01 -15.39
N ASP B 298 29.33 20.81 -15.59
CA ASP B 298 28.45 20.52 -16.70
C ASP B 298 27.11 21.01 -16.18
N ASP B 299 26.06 20.94 -16.98
CA ASP B 299 24.79 21.41 -16.45
C ASP B 299 23.83 20.23 -16.34
N ILE B 300 24.43 19.03 -16.26
CA ILE B 300 23.67 17.80 -16.16
C ILE B 300 23.00 17.67 -14.81
N LYS B 301 21.82 17.07 -14.81
CA LYS B 301 21.05 16.88 -13.60
C LYS B 301 20.56 15.42 -13.54
N ALA B 302 20.69 14.80 -12.38
CA ALA B 302 20.26 13.42 -12.17
C ALA B 302 18.76 13.38 -11.90
N ASN B 303 18.08 12.33 -12.35
CA ASN B 303 16.65 12.18 -12.12
C ASN B 303 16.33 11.78 -10.68
N PHE B 304 17.11 10.87 -10.10
CA PHE B 304 16.86 10.46 -8.73
C PHE B 304 18.02 9.72 -8.07
N ALA B 305 17.98 9.71 -6.74
CA ALA B 305 18.99 9.04 -5.93
C ALA B 305 18.22 8.00 -5.12
N LEU B 306 18.89 6.89 -4.78
CA LEU B 306 18.25 5.81 -4.05
C LEU B 306 18.98 5.35 -2.80
N GLY B 307 18.46 4.28 -2.21
CA GLY B 307 19.07 3.67 -1.05
C GLY B 307 18.79 4.23 0.33
N GLY B 308 19.86 4.19 1.12
CA GLY B 308 19.85 4.71 2.46
C GLY B 308 20.33 6.10 2.20
N ILE B 309 19.43 7.05 2.42
CA ILE B 309 19.71 8.45 2.20
C ILE B 309 20.53 9.04 3.34
N THR B 310 21.36 10.03 3.02
CA THR B 310 22.18 10.72 4.01
C THR B 310 21.97 12.20 3.71
N ASN B 311 22.41 13.06 4.61
CA ASN B 311 22.23 14.49 4.40
C ASN B 311 22.83 14.97 3.08
N ALA B 312 23.88 14.31 2.62
CA ALA B 312 24.52 14.72 1.37
C ALA B 312 23.50 14.62 0.25
N VAL B 314 20.16 14.85 0.62
CA VAL B 314 19.16 15.89 0.79
C VAL B 314 19.74 17.17 0.25
N GLU B 315 21.04 17.34 0.51
CA GLU B 315 21.76 18.51 0.05
C GLU B 315 21.57 18.63 -1.46
N LEU B 316 21.84 17.56 -2.19
CA LEU B 316 21.70 17.59 -3.65
C LEU B 316 20.27 17.83 -4.11
N LEU B 317 19.29 17.28 -3.39
CA LEU B 317 17.89 17.46 -3.77
C LEU B 317 17.48 18.93 -3.65
N GLU B 318 18.07 19.63 -2.69
CA GLU B 318 17.75 21.04 -2.47
C GLU B 318 18.47 21.94 -3.49
N GLU B 319 19.72 21.60 -3.82
CA GLU B 319 20.47 22.40 -4.79
C GLU B 319 19.92 22.18 -6.19
N GLY B 320 18.89 21.36 -6.29
CA GLY B 320 18.28 21.08 -7.59
C GLY B 320 19.14 20.24 -8.50
N LEU B 321 20.09 19.49 -7.94
CA LEU B 321 20.95 18.65 -8.77
C LEU B 321 20.36 17.26 -9.02
N VAL B 322 19.46 16.85 -8.16
CA VAL B 322 18.79 15.57 -8.30
C VAL B 322 17.30 15.86 -8.14
N ASP B 323 16.53 15.49 -9.16
CA ASP B 323 15.10 15.75 -9.17
C ASP B 323 14.28 15.10 -8.07
N LYS B 324 14.40 13.78 -7.94
CA LYS B 324 13.65 13.06 -6.92
C LYS B 324 14.58 12.20 -6.12
N ILE B 325 14.07 11.63 -5.04
CA ILE B 325 14.86 10.72 -4.23
C ILE B 325 13.96 9.65 -3.59
N LEU B 326 14.26 8.38 -3.89
CA LEU B 326 13.50 7.25 -3.36
C LEU B 326 14.23 6.75 -2.13
N ASP B 327 13.52 6.65 -1.02
CA ASP B 327 14.09 6.27 0.27
C ASP B 327 13.54 5.00 0.91
N VAL B 328 14.42 4.03 1.17
CA VAL B 328 13.99 2.79 1.78
C VAL B 328 14.49 2.78 3.21
N GLN B 329 15.47 3.63 3.49
CA GLN B 329 16.02 3.73 4.83
C GLN B 329 16.88 4.98 5.02
N ASP B 330 16.68 5.67 6.13
CA ASP B 330 17.44 6.87 6.41
C ASP B 330 18.61 6.55 7.29
N PHE B 331 19.72 7.28 7.07
CA PHE B 331 20.93 7.05 7.86
C PHE B 331 21.36 8.21 8.77
N ASP B 332 20.45 9.18 8.98
CA ASP B 332 20.70 10.31 9.87
C ASP B 332 19.43 11.13 10.02
N HIS B 333 19.29 11.79 11.17
CA HIS B 333 18.10 12.59 11.43
C HIS B 333 17.67 13.52 10.30
N PRO B 334 18.60 14.33 9.76
CA PRO B 334 18.23 15.26 8.68
C PRO B 334 17.58 14.57 7.47
N SER B 335 18.06 13.37 7.11
CA SER B 335 17.45 12.66 5.99
C SER B 335 16.04 12.25 6.33
N ALA B 336 15.84 11.82 7.57
CA ALA B 336 14.51 11.42 7.98
C ALA B 336 13.63 12.65 7.95
N VAL B 337 14.18 13.79 8.35
CA VAL B 337 13.39 15.02 8.36
C VAL B 337 12.98 15.42 6.95
N SER B 338 13.91 15.32 6.02
CA SER B 338 13.68 15.66 4.62
C SER B 338 12.54 14.85 4.00
N LEU B 339 12.42 13.60 4.43
CA LEU B 339 11.38 12.73 3.90
C LEU B 339 10.02 13.37 4.12
N ASP B 340 9.94 14.25 5.09
CA ASP B 340 8.71 14.93 5.41
C ASP B 340 8.67 16.33 4.81
N ARG B 341 9.78 17.06 4.97
CA ARG B 341 9.92 18.42 4.48
C ARG B 341 9.76 18.56 2.97
N ASN B 342 10.53 17.80 2.21
CA ASN B 342 10.46 17.88 0.76
C ASN B 342 9.54 16.79 0.19
N ALA B 343 8.31 16.70 0.71
CA ALA B 343 7.35 15.70 0.26
C ALA B 343 7.31 15.57 -1.24
N GLU B 344 6.90 14.40 -1.72
CA GLU B 344 6.79 14.08 -3.15
C GLU B 344 8.18 13.95 -3.80
N LYS B 345 9.05 14.93 -3.57
CA LYS B 345 10.39 14.94 -4.12
C LYS B 345 11.27 13.93 -3.40
N HIS B 346 10.91 13.62 -2.16
CA HIS B 346 11.62 12.64 -1.35
C HIS B 346 10.54 11.65 -0.95
N TYR B 347 10.47 10.52 -1.67
CA TYR B 347 9.44 9.51 -1.45
C TYR B 347 9.85 8.21 -0.74
N GLU B 348 8.95 7.74 0.13
CA GLU B 348 9.19 6.51 0.88
C GLU B 348 8.78 5.26 0.07
N ILE B 349 9.61 4.24 0.10
CA ILE B 349 9.31 3.01 -0.62
C ILE B 349 9.62 1.78 0.22
N ASP B 350 8.78 0.76 0.07
CA ASP B 350 8.96 -0.50 0.79
C ASP B 350 10.10 -1.28 0.17
N ALA B 351 10.75 -2.12 0.96
CA ALA B 351 11.87 -2.92 0.50
C ALA B 351 11.58 -3.73 -0.74
N ASN B 352 10.32 -4.14 -0.93
CA ASN B 352 9.99 -4.94 -2.10
C ASN B 352 10.10 -4.11 -3.36
N TYR B 354 11.77 -1.72 -3.65
CA TYR B 354 13.18 -1.39 -3.67
C TYR B 354 14.09 -2.37 -4.43
N ALA B 355 14.29 -3.57 -3.91
CA ALA B 355 15.22 -4.47 -4.56
C ALA B 355 14.83 -5.92 -4.74
N SER B 356 13.54 -6.19 -4.91
CA SER B 356 13.12 -7.57 -5.08
C SER B 356 13.30 -8.11 -6.47
N PRO B 357 14.00 -9.24 -6.58
CA PRO B 357 14.24 -9.86 -7.89
C PRO B 357 12.96 -10.48 -8.50
N LEU B 358 11.96 -10.76 -7.66
CA LEU B 358 10.72 -11.35 -8.14
C LEU B 358 9.52 -10.45 -7.95
N SER B 359 9.48 -9.34 -8.67
CA SER B 359 8.39 -8.43 -8.53
C SER B 359 7.98 -8.00 -9.93
N LYS B 360 7.07 -7.03 -9.99
CA LYS B 360 6.67 -6.53 -11.28
C LYS B 360 7.63 -5.42 -11.65
N GLY B 361 8.63 -5.19 -10.80
CA GLY B 361 9.59 -4.13 -11.09
C GLY B 361 10.10 -3.39 -9.87
N SER B 362 11.42 -3.33 -9.72
CA SER B 362 12.04 -2.66 -8.58
C SER B 362 12.75 -1.37 -9.03
N VAL B 363 12.91 -0.42 -8.12
CA VAL B 363 13.58 0.81 -8.47
C VAL B 363 15.04 0.60 -8.86
N ILE B 364 15.76 -0.25 -8.14
CA ILE B 364 17.16 -0.49 -8.47
C ILE B 364 17.31 -0.97 -9.90
N ASN B 365 16.20 -1.36 -10.51
CA ASN B 365 16.20 -1.83 -11.88
C ASN B 365 16.33 -0.64 -12.81
N GLN B 366 16.15 0.55 -12.25
CA GLN B 366 16.25 1.77 -13.03
C GLN B 366 17.48 2.52 -12.60
N LEU B 367 18.34 1.85 -11.85
CA LEU B 367 19.56 2.48 -11.35
C LEU B 367 20.69 2.39 -12.37
N ASP B 368 21.31 3.52 -12.73
CA ASP B 368 22.39 3.50 -13.70
C ASP B 368 23.73 3.14 -13.06
N ILE B 369 23.98 3.62 -11.85
CA ILE B 369 25.25 3.30 -11.21
C ILE B 369 25.13 3.27 -9.68
N CYS B 370 25.91 2.37 -9.05
CA CYS B 370 25.93 2.27 -7.60
C CYS B 370 27.38 2.19 -7.13
N VAL B 371 27.65 2.76 -5.96
CA VAL B 371 28.97 2.78 -5.36
C VAL B 371 28.91 1.97 -4.08
N LEU B 372 29.58 0.83 -4.06
CA LEU B 372 29.57 -0.08 -2.90
C LEU B 372 30.93 -0.24 -2.25
N SER B 373 30.96 -0.74 -1.03
CA SER B 373 32.23 -0.96 -0.35
C SER B 373 32.42 -2.45 -0.17
N ALA B 374 33.49 -2.86 0.50
CA ALA B 374 33.75 -4.27 0.66
C ALA B 374 34.78 -4.59 1.72
N LEU B 375 34.68 -5.81 2.28
CA LEU B 375 35.66 -6.27 3.26
C LEU B 375 36.74 -6.98 2.47
N GLU B 376 36.32 -7.83 1.53
CA GLU B 376 37.27 -8.55 0.69
C GLU B 376 36.73 -8.58 -0.73
N VAL B 377 37.59 -8.99 -1.65
CA VAL B 377 37.24 -9.11 -3.05
C VAL B 377 38.39 -9.89 -3.68
N ASP B 378 38.09 -11.09 -4.18
CA ASP B 378 39.12 -11.93 -4.79
C ASP B 378 39.40 -11.61 -6.26
N THR B 379 40.26 -12.41 -6.89
CA THR B 379 40.62 -12.22 -8.29
C THR B 379 39.51 -12.63 -9.25
N ASN B 380 38.37 -12.99 -8.70
CA ASN B 380 37.23 -13.39 -9.53
C ASN B 380 36.16 -12.32 -9.40
N PHE B 381 36.51 -11.23 -8.73
CA PHE B 381 35.62 -10.11 -8.53
C PHE B 381 34.48 -10.38 -7.54
N ASN B 382 34.57 -11.49 -6.81
CA ASN B 382 33.55 -11.81 -5.82
C ASN B 382 33.78 -10.88 -4.65
N VAL B 383 32.69 -10.41 -4.05
CA VAL B 383 32.78 -9.49 -2.93
C VAL B 383 32.25 -10.08 -1.63
N ASN B 384 32.97 -9.82 -0.54
CA ASN B 384 32.58 -10.32 0.80
C ASN B 384 32.32 -9.16 1.74
N VAL B 385 31.13 -9.13 2.29
CA VAL B 385 30.72 -8.09 3.22
C VAL B 385 30.15 -8.72 4.49
N THR B 387 31.91 -11.79 6.54
CA THR B 387 32.94 -12.14 7.51
C THR B 387 34.22 -11.32 7.39
N GLY B 388 34.91 -11.14 8.51
CA GLY B 388 36.15 -10.39 8.50
C GLY B 388 37.38 -11.27 8.37
N SER B 389 38.54 -10.68 8.57
CA SER B 389 39.80 -11.40 8.48
C SER B 389 39.82 -12.64 9.38
N ASP B 390 39.40 -12.47 10.63
CA ASP B 390 39.36 -13.58 11.58
C ASP B 390 38.25 -14.58 11.23
N GLY B 391 37.57 -14.37 10.11
CA GLY B 391 36.52 -15.29 9.71
C GLY B 391 35.24 -15.20 10.53
N VAL B 392 35.24 -14.32 11.51
CA VAL B 392 34.08 -14.13 12.38
C VAL B 392 33.02 -13.28 11.71
N ILE B 393 31.77 -13.75 11.71
CA ILE B 393 30.69 -12.96 11.12
C ILE B 393 30.58 -11.62 11.85
N ARG B 394 30.38 -10.54 11.10
CA ARG B 394 30.24 -9.22 11.70
C ARG B 394 29.76 -8.21 10.68
N GLY B 395 29.45 -8.70 9.48
CA GLY B 395 28.98 -7.83 8.42
C GLY B 395 27.49 -7.85 8.21
N ALA B 396 27.08 -7.68 6.95
CA ALA B 396 25.67 -7.68 6.58
C ALA B 396 25.55 -7.69 5.05
N SER B 397 24.58 -8.46 4.57
CA SER B 397 24.35 -8.59 3.14
C SER B 397 23.72 -7.32 2.57
N GLY B 398 22.82 -6.71 3.34
CA GLY B 398 22.17 -5.50 2.87
C GLY B 398 21.65 -5.62 1.46
N GLY B 399 21.80 -4.56 0.68
CA GLY B 399 21.34 -4.59 -0.70
C GLY B 399 22.49 -4.73 -1.66
N HIS B 400 23.67 -5.01 -1.11
CA HIS B 400 24.88 -5.16 -1.89
C HIS B 400 24.71 -6.01 -3.15
N CYS B 401 24.51 -7.31 -3.00
CA CYS B 401 24.35 -8.16 -4.18
C CYS B 401 23.12 -7.74 -4.99
N ASP B 402 22.19 -7.03 -4.33
CA ASP B 402 20.96 -6.58 -4.98
C ASP B 402 21.18 -5.52 -6.05
N THR B 403 21.68 -4.37 -5.63
CA THR B 403 21.89 -3.31 -6.56
C THR B 403 23.05 -3.64 -7.46
N ALA B 404 24.06 -4.30 -6.92
CA ALA B 404 25.22 -4.66 -7.72
C ALA B 404 24.75 -5.32 -9.00
N PHE B 405 23.67 -6.10 -8.91
CA PHE B 405 23.19 -6.76 -10.10
C PHE B 405 22.32 -5.87 -10.96
N ALA B 406 21.38 -5.17 -10.34
CA ALA B 406 20.46 -4.33 -11.10
C ALA B 406 21.17 -3.20 -11.83
N ALA B 407 22.05 -2.50 -11.12
CA ALA B 407 22.77 -1.36 -11.68
C ALA B 407 23.40 -1.62 -13.04
N LYS B 408 23.42 -0.60 -13.88
CA LYS B 408 24.01 -0.71 -15.22
C LYS B 408 25.49 -0.89 -15.02
N SER B 410 28.22 -1.36 -11.74
CA SER B 410 28.53 -1.51 -10.32
C SER B 410 29.97 -1.16 -9.96
N LEU B 411 30.13 -0.24 -9.04
CA LEU B 411 31.47 0.15 -8.59
C LEU B 411 31.70 -0.35 -7.17
N VAL B 412 32.81 -1.05 -6.97
CA VAL B 412 33.16 -1.53 -5.63
C VAL B 412 34.47 -0.84 -5.26
N ILE B 413 34.38 0.20 -4.45
CA ILE B 413 35.57 0.92 -4.04
C ILE B 413 35.97 0.56 -2.61
N SER B 414 37.28 0.47 -2.38
CA SER B 414 37.83 0.15 -1.07
C SER B 414 39.35 0.19 -1.05
N PRO B 415 39.93 0.72 0.05
CA PRO B 415 41.40 0.81 0.17
C PRO B 415 42.06 -0.51 -0.13
N LEU B 416 43.29 -0.42 -0.63
CA LEU B 416 44.04 -1.61 -0.99
C LEU B 416 44.24 -2.51 0.21
N VAL B 417 44.46 -1.90 1.37
CA VAL B 417 44.66 -2.65 2.60
C VAL B 417 44.11 -1.88 3.81
N ARG B 418 43.71 -2.62 4.84
CA ARG B 418 43.21 -2.02 6.08
C ARG B 418 44.10 -2.56 7.21
N GLY B 419 44.98 -1.72 7.73
CA GLY B 419 45.88 -2.15 8.78
C GLY B 419 46.79 -3.26 8.26
N ARG B 420 46.65 -4.46 8.82
CA ARG B 420 47.44 -5.61 8.41
C ARG B 420 46.60 -6.57 7.60
N ILE B 421 45.39 -6.16 7.29
CA ILE B 421 44.47 -7.00 6.53
C ILE B 421 44.36 -6.53 5.08
N PRO B 422 44.57 -7.44 4.12
CA PRO B 422 44.48 -7.09 2.71
C PRO B 422 43.02 -7.09 2.25
N THR B 423 42.64 -6.08 1.48
CA THR B 423 41.29 -6.03 0.99
C THR B 423 41.13 -6.89 -0.27
N PHE B 424 42.24 -7.16 -0.94
CA PHE B 424 42.20 -7.98 -2.15
C PHE B 424 42.97 -9.28 -1.98
N VAL B 425 42.30 -10.39 -2.25
CA VAL B 425 42.92 -11.68 -2.08
C VAL B 425 42.57 -12.62 -3.21
N ASP B 426 43.10 -13.84 -3.16
CA ASP B 426 42.81 -14.81 -4.21
C ASP B 426 41.45 -15.48 -4.04
N LYS B 427 40.94 -15.50 -2.81
CA LYS B 427 39.66 -16.14 -2.56
C LYS B 427 39.07 -15.56 -1.29
N VAL B 428 37.82 -15.10 -1.36
CA VAL B 428 37.18 -14.53 -0.18
C VAL B 428 36.64 -15.62 0.73
N ASN B 429 36.68 -15.35 2.03
CA ASN B 429 36.17 -16.31 3.03
C ASN B 429 34.69 -16.58 2.80
N THR B 430 33.90 -15.52 2.66
CA THR B 430 32.47 -15.65 2.41
C THR B 430 32.07 -14.85 1.17
N VAL B 431 31.20 -15.42 0.34
CA VAL B 431 30.75 -14.72 -0.86
C VAL B 431 29.32 -14.20 -0.74
N ILE B 432 29.15 -12.88 -0.84
CA ILE B 432 27.82 -12.28 -0.79
C ILE B 432 27.41 -11.78 -2.17
N THR B 433 28.33 -11.16 -2.89
CA THR B 433 28.05 -10.66 -4.25
C THR B 433 29.01 -11.25 -5.26
N PRO B 434 28.48 -11.99 -6.24
CA PRO B 434 29.29 -12.62 -7.28
C PRO B 434 30.00 -11.58 -8.18
N GLY B 435 31.23 -11.90 -8.58
CA GLY B 435 31.99 -11.00 -9.42
C GLY B 435 31.25 -10.61 -10.68
N THR B 436 30.44 -11.52 -11.18
CA THR B 436 29.68 -11.27 -12.38
C THR B 436 28.77 -10.04 -12.24
N SER B 437 28.65 -9.51 -11.02
CA SER B 437 27.83 -8.32 -10.74
C SER B 437 28.72 -7.12 -10.46
N VAL B 438 30.01 -7.36 -10.32
CA VAL B 438 30.93 -6.27 -10.06
C VAL B 438 31.56 -5.87 -11.39
N ASP B 439 31.37 -4.61 -11.77
CA ASP B 439 31.87 -4.09 -13.03
C ASP B 439 33.23 -3.40 -12.92
N VAL B 440 33.33 -2.47 -11.98
CA VAL B 440 34.56 -1.74 -11.80
C VAL B 440 34.94 -1.65 -10.33
N VAL B 441 36.21 -1.92 -10.06
CA VAL B 441 36.75 -1.85 -8.71
C VAL B 441 37.67 -0.63 -8.65
N VAL B 442 37.55 0.16 -7.58
CA VAL B 442 38.36 1.37 -7.42
C VAL B 442 39.15 1.35 -6.12
N THR B 443 40.46 1.58 -6.21
CA THR B 443 41.34 1.60 -5.03
C THR B 443 42.18 2.87 -5.05
N GLU B 444 43.15 3.00 -4.16
CA GLU B 444 43.95 4.22 -4.17
C GLU B 444 45.09 4.09 -5.16
N VAL B 445 45.23 2.90 -5.72
CA VAL B 445 46.28 2.62 -6.68
C VAL B 445 45.73 2.66 -8.11
N GLY B 446 44.41 2.68 -8.22
CA GLY B 446 43.80 2.73 -9.53
C GLY B 446 42.49 1.99 -9.65
N ILE B 447 42.08 1.77 -10.90
CA ILE B 447 40.84 1.11 -11.26
C ILE B 447 41.09 -0.28 -11.87
N ALA B 448 40.18 -1.21 -11.60
CA ALA B 448 40.27 -2.56 -12.16
C ALA B 448 38.94 -2.88 -12.82
N ILE B 449 38.92 -2.89 -14.15
CA ILE B 449 37.67 -3.15 -14.87
C ILE B 449 37.47 -4.64 -15.11
N ASN B 450 36.32 -5.16 -14.69
CA ASN B 450 36.02 -6.58 -14.90
C ASN B 450 36.03 -6.89 -16.37
N PRO B 451 36.90 -7.81 -16.81
CA PRO B 451 36.98 -8.18 -18.23
C PRO B 451 35.66 -8.68 -18.76
N ASN B 452 34.74 -8.92 -17.85
CA ASN B 452 33.41 -9.38 -18.21
C ASN B 452 32.65 -8.22 -18.82
N ARG B 453 33.24 -7.03 -18.74
CA ARG B 453 32.62 -5.83 -19.30
C ARG B 453 33.54 -5.22 -20.36
N PRO B 454 33.70 -5.91 -21.52
CA PRO B 454 34.57 -5.40 -22.57
C PRO B 454 34.09 -4.05 -23.10
N ASP B 455 32.80 -3.75 -22.98
CA ASP B 455 32.32 -2.48 -23.47
C ASP B 455 32.85 -1.34 -22.60
N LEU B 456 33.17 -1.65 -21.34
CA LEU B 456 33.68 -0.64 -20.42
C LEU B 456 35.19 -0.44 -20.55
N ILE B 457 35.90 -1.52 -20.85
CA ILE B 457 37.33 -1.45 -21.03
C ILE B 457 37.66 -0.52 -22.19
N GLU B 458 36.84 -0.56 -23.25
CA GLU B 458 37.06 0.31 -24.41
C GLU B 458 36.68 1.76 -24.08
N TYR B 459 35.47 1.95 -23.54
CA TYR B 459 34.97 3.27 -23.22
C TYR B 459 35.91 4.03 -22.31
N PHE B 460 36.59 3.32 -21.40
CA PHE B 460 37.50 3.97 -20.46
C PHE B 460 38.94 3.89 -20.92
N LYS B 461 39.18 3.34 -22.12
CA LYS B 461 40.54 3.20 -22.62
C LYS B 461 41.40 4.46 -22.37
N ASP B 462 40.85 5.62 -22.68
CA ASP B 462 41.59 6.86 -22.51
C ASP B 462 41.36 7.56 -21.17
N LEU B 463 40.58 6.94 -20.29
CA LEU B 463 40.30 7.51 -18.99
C LEU B 463 41.62 7.75 -18.26
N LYS B 464 41.88 9.00 -17.88
CA LYS B 464 43.14 9.32 -17.20
C LYS B 464 43.13 8.91 -15.74
N VAL B 465 43.26 7.61 -15.52
CA VAL B 465 43.30 7.05 -14.18
C VAL B 465 44.03 5.72 -14.32
N PRO B 466 44.96 5.44 -13.41
CA PRO B 466 45.70 4.17 -13.51
C PRO B 466 44.78 2.95 -13.53
N GLN B 467 44.94 2.11 -14.54
CA GLN B 467 44.12 0.92 -14.65
C GLN B 467 44.93 -0.34 -14.53
N LEU B 468 44.41 -1.32 -13.78
CA LEU B 468 45.11 -2.59 -13.61
C LEU B 468 44.14 -3.77 -13.68
N THR B 469 44.69 -4.96 -13.46
CA THR B 469 43.88 -6.18 -13.45
C THR B 469 43.62 -6.51 -11.99
N ILE B 470 42.54 -7.24 -11.72
CA ILE B 470 42.23 -7.60 -10.34
C ILE B 470 43.40 -8.38 -9.72
N GLU B 471 44.09 -9.16 -10.53
CA GLU B 471 45.24 -9.93 -10.04
C GLU B 471 46.37 -9.00 -9.58
N GLU B 472 46.55 -7.90 -10.30
CA GLU B 472 47.61 -6.98 -9.93
C GLU B 472 47.30 -6.30 -8.62
N LEU B 473 46.03 -6.04 -8.36
CA LEU B 473 45.62 -5.38 -7.12
C LEU B 473 45.93 -6.30 -5.93
N LYS B 474 45.69 -7.60 -6.12
CA LYS B 474 45.94 -8.57 -5.09
C LYS B 474 47.44 -8.63 -4.77
N GLU B 475 48.26 -8.76 -5.82
CA GLU B 475 49.71 -8.81 -5.66
C GLU B 475 50.19 -7.53 -5.00
N LYS B 476 49.62 -6.42 -5.45
CA LYS B 476 49.95 -5.10 -4.94
C LYS B 476 49.60 -5.02 -3.45
N ALA B 477 48.64 -5.86 -3.03
CA ALA B 477 48.20 -5.91 -1.63
C ALA B 477 49.09 -6.83 -0.80
N TYR B 478 49.35 -8.02 -1.34
CA TYR B 478 50.21 -8.99 -0.67
C TYR B 478 51.59 -8.37 -0.43
N ALA B 479 52.00 -7.45 -1.28
CA ALA B 479 53.31 -6.82 -1.13
C ALA B 479 53.29 -5.76 -0.05
N ILE B 480 52.20 -5.67 0.70
CA ILE B 480 52.11 -4.67 1.74
C ILE B 480 51.96 -5.28 3.13
N VAL B 481 51.07 -6.27 3.25
CA VAL B 481 50.83 -6.93 4.52
C VAL B 481 51.13 -8.43 4.44
N GLY B 482 51.77 -8.84 3.35
CA GLY B 482 52.12 -10.24 3.18
C GLY B 482 50.92 -11.16 3.11
N ASN B 483 51.15 -12.42 2.79
CA ASN B 483 50.06 -13.36 2.72
C ASN B 483 49.41 -13.49 4.10
N PRO B 484 48.08 -13.35 4.16
CA PRO B 484 47.35 -13.46 5.44
C PRO B 484 47.44 -14.85 6.04
N GLN B 485 47.56 -14.93 7.36
CA GLN B 485 47.65 -16.22 8.05
C GLN B 485 46.28 -16.87 8.11
N PRO B 486 46.11 -18.05 7.48
CA PRO B 486 44.85 -18.80 7.47
C PRO B 486 44.14 -18.89 8.83
N ILE B 487 42.81 -18.97 8.80
CA ILE B 487 42.03 -19.06 10.03
C ILE B 487 41.68 -20.51 10.31
N GLN B 488 41.39 -20.81 11.58
CA GLN B 488 41.03 -22.16 12.02
C GLN B 488 39.51 -22.34 12.03
N TYR B 489 38.95 -22.94 10.98
CA TYR B 489 37.51 -23.16 10.89
C TYR B 489 37.07 -24.52 11.39
N GLY B 490 35.87 -24.58 11.97
CA GLY B 490 35.33 -25.82 12.48
C GLY B 490 34.60 -26.58 11.40
N ASP B 491 33.71 -27.48 11.81
CA ASP B 491 32.95 -28.28 10.85
C ASP B 491 31.47 -27.97 10.87
N LYS B 492 31.06 -27.12 11.81
CA LYS B 492 29.66 -26.75 11.94
C LYS B 492 29.30 -25.57 11.03
N ILE B 493 28.20 -25.72 10.30
CA ILE B 493 27.76 -24.65 9.43
C ILE B 493 27.00 -23.64 10.28
N VAL B 494 27.67 -22.55 10.62
CA VAL B 494 27.09 -21.51 11.44
C VAL B 494 25.95 -20.76 10.77
N ALA B 495 25.98 -20.66 9.45
CA ALA B 495 24.93 -19.94 8.72
C ALA B 495 24.98 -20.18 7.21
N LEU B 496 23.84 -20.04 6.56
CA LEU B 496 23.76 -20.21 5.12
C LEU B 496 23.56 -18.84 4.47
N ILE B 497 24.23 -18.59 3.35
CA ILE B 497 24.03 -17.32 2.67
C ILE B 497 23.15 -17.60 1.45
N GLU B 498 21.92 -17.10 1.48
CA GLU B 498 20.99 -17.30 0.39
C GLU B 498 21.08 -16.11 -0.55
N TYR B 499 21.32 -16.38 -1.84
CA TYR B 499 21.42 -15.32 -2.85
C TYR B 499 20.04 -14.71 -3.07
N ARG B 500 20.00 -13.48 -3.56
CA ARG B 500 18.72 -12.81 -3.80
C ARG B 500 17.65 -13.67 -4.52
N ASP B 501 18.08 -14.56 -5.42
CA ASP B 501 17.15 -15.40 -6.15
C ASP B 501 16.63 -16.60 -5.35
N GLY B 502 17.16 -16.80 -4.16
CA GLY B 502 16.69 -17.90 -3.33
C GLY B 502 17.55 -19.15 -3.23
N SER B 503 18.61 -19.19 -4.02
CA SER B 503 19.52 -20.32 -4.00
C SER B 503 20.72 -20.01 -3.10
N LEU B 504 21.53 -21.03 -2.79
CA LEU B 504 22.70 -20.84 -1.94
C LEU B 504 23.92 -20.50 -2.76
N ILE B 505 24.60 -19.43 -2.36
CA ILE B 505 25.81 -18.99 -3.04
C ILE B 505 27.04 -19.42 -2.22
N ASP B 506 26.90 -19.53 -0.91
CA ASP B 506 28.03 -19.92 -0.07
C ASP B 506 27.52 -20.28 1.34
N VAL B 507 28.44 -20.55 2.25
CA VAL B 507 28.09 -20.88 3.63
C VAL B 507 29.16 -20.32 4.53
N VAL B 508 28.88 -20.31 5.82
CA VAL B 508 29.81 -19.81 6.80
C VAL B 508 29.97 -20.85 7.89
N ARG B 509 31.23 -21.15 8.23
CA ARG B 509 31.53 -22.12 9.27
C ARG B 509 31.94 -21.43 10.56
N ASN B 510 31.97 -22.19 11.64
CA ASN B 510 32.33 -21.64 12.95
C ASN B 510 33.84 -21.40 13.05
N VAL B 511 34.24 -20.49 13.91
CA VAL B 511 35.67 -20.24 14.04
C VAL B 511 36.10 -20.79 15.40
N LEU B 512 37.18 -21.57 15.39
CA LEU B 512 37.70 -22.19 16.61
C LEU B 512 38.71 -21.21 17.23
N GLU B 513 38.66 -21.06 18.54
CA GLU B 513 39.58 -20.15 19.24
C GLU B 513 41.03 -20.61 19.16
#